data_7U25
#
_entry.id   7U25
#
_cell.length_a   179.952
_cell.length_b   179.952
_cell.length_c   185.472
_cell.angle_alpha   90.000
_cell.angle_beta   90.000
_cell.angle_gamma   120.000
#
_symmetry.space_group_name_H-M   'P 64 2 2'
#
loop_
_entity.id
_entity.type
_entity.pdbx_description
1 polymer 'Acetolactate synthase, chloroplastic'
2 non-polymer 'MAGNESIUM ION'
3 non-polymer '2,6-bis[(4,6-dimethoxypyrimidin-2-yl)oxy]benzoic acid'
4 non-polymer 'FLAVIN-ADENINE DINUCLEOTIDE'
5 non-polymer '2-{3-[(4-AMINO-2-METHYLPYRIMIDIN-5-YL)METHYL]-4-METHYL-2-OXO-2,3-DIHYDRO-1,3-THIAZOL-5-YL}ETHYL TRIHYDROGEN DIPHOSPHATE'
6 non-polymer '2-[N-CYCLOHEXYLAMINO]ETHANE SULFONIC ACID'
7 non-polymer 'SULFATE ION'
#
_entity_poly.entity_id   1
_entity_poly.type   'polypeptide(L)'
_entity_poly.pdbx_seq_one_letter_code
;TFISRFAPDQPRKGADILVEALERQGVETVFAYPGGASMEIHQALTRSSSIRNVLPRHEQGGVFAAEGYARSSGKPGICI
ATSGPGATNLVSGLADALLDSVPLVAITGQVPRRMIGTDAFQETPIVEVTRSITKHNYLVMDVEDIPRIIEEAFFLATSG
RPGPVLVDVPKDIQQQLAIPNWEQAMRLPGYMSRMPKPPEDSHLEQIVRLISESKKPVLYVGGGCLNSSDELGRFVELTG
IPVASTLMGLGSYPEDDELSLHMLGMHGTVYANYAVEHSDLLLAFGVRFDDRVTGKLEAFASRAKIVHIDIDSAEIGKNK
TPHVSVCGDVKLALQGMNKVLENRAEELKLDFGVWRNELNVQKQKFPLSFKTFGEAIPPQYAIKVLDELTDGKAIISTGV
GQHQMWAAQFYNYKKPRQWLSSGGLGAMGFGLPAAIGASVANPDAIVVDIDGDGSFIMNVQELATIRVENLPVKVLLLNN
QHLGMVMQLEDRFYKANRAHTFLGDPAQEDEIFPNMLLFAAACGIPAARVTKKADLREAIQTMLDTPGPYLLDVICPHQE
HVLPMIPSGGTFNDVITEGDGRLEHHHHHH
;
_entity_poly.pdbx_strand_id   A
#
loop_
_chem_comp.id
_chem_comp.type
_chem_comp.name
_chem_comp.formula
6QL non-polymer '2,6-bis[(4,6-dimethoxypyrimidin-2-yl)oxy]benzoic acid' 'C19 H18 N4 O8'
FAD non-polymer 'FLAVIN-ADENINE DINUCLEOTIDE' 'C27 H33 N9 O15 P2'
MG non-polymer 'MAGNESIUM ION' 'Mg 2'
NHE non-polymer '2-[N-CYCLOHEXYLAMINO]ETHANE SULFONIC ACID' 'C8 H17 N O3 S'
SO4 non-polymer 'SULFATE ION' 'O4 S -2'
TZD non-polymer '2-{3-[(4-AMINO-2-METHYLPYRIMIDIN-5-YL)METHYL]-4-METHYL-2-OXO-2,3-DIHYDRO-1,3-THIAZOL-5-YL}ETHYL TRIHYDROGEN DIPHOSPHATE' 'C12 H18 N4 O8 P2 S'
#
# COMPACT_ATOMS: atom_id res chain seq x y z
N THR A 1 -3.57 -22.61 24.11
CA THR A 1 -4.50 -23.73 24.24
C THR A 1 -5.77 -23.47 23.42
N PHE A 2 -5.73 -23.85 22.15
CA PHE A 2 -6.86 -23.63 21.26
C PHE A 2 -8.01 -24.55 21.60
N ILE A 3 -9.23 -24.05 21.47
CA ILE A 3 -10.44 -24.80 21.78
C ILE A 3 -11.23 -24.98 20.49
N SER A 4 -11.37 -26.22 20.05
CA SER A 4 -12.10 -26.52 18.82
C SER A 4 -13.57 -26.81 19.13
N ARG A 5 -14.40 -26.65 18.10
CA ARG A 5 -15.81 -26.97 18.19
C ARG A 5 -16.10 -28.44 17.88
N PHE A 6 -15.07 -29.22 17.55
CA PHE A 6 -15.22 -30.62 17.21
C PHE A 6 -14.37 -31.48 18.14
N ALA A 7 -14.79 -32.73 18.32
CA ALA A 7 -14.03 -33.67 19.13
C ALA A 7 -12.78 -34.14 18.38
N PRO A 8 -11.72 -34.50 19.10
CA PRO A 8 -10.49 -34.98 18.44
C PRO A 8 -10.67 -36.25 17.63
N ASP A 9 -11.76 -37.00 17.85
CA ASP A 9 -12.02 -38.23 17.11
C ASP A 9 -13.27 -38.13 16.25
N GLN A 10 -13.74 -36.91 15.97
CA GLN A 10 -14.97 -36.70 15.23
C GLN A 10 -14.64 -36.25 13.81
N PRO A 11 -14.98 -37.02 12.79
CA PRO A 11 -14.74 -36.58 11.41
C PRO A 11 -15.63 -35.40 11.05
N ARG A 12 -15.05 -34.44 10.33
CA ARG A 12 -15.78 -33.25 9.89
C ARG A 12 -15.41 -32.97 8.44
N LYS A 13 -16.20 -32.10 7.81
CA LYS A 13 -15.99 -31.77 6.41
C LYS A 13 -14.65 -31.05 6.23
N GLY A 14 -14.14 -31.12 4.99
CA GLY A 14 -12.91 -30.41 4.67
C GLY A 14 -13.05 -28.91 4.80
N ALA A 15 -14.22 -28.37 4.44
CA ALA A 15 -14.48 -26.96 4.63
C ALA A 15 -14.45 -26.56 6.10
N ASP A 16 -14.92 -27.44 6.99
CA ASP A 16 -14.84 -27.15 8.42
C ASP A 16 -13.41 -27.23 8.93
N ILE A 17 -12.59 -28.11 8.33
CA ILE A 17 -11.16 -28.14 8.66
C ILE A 17 -10.50 -26.84 8.22
N LEU A 18 -10.90 -26.32 7.06
CA LEU A 18 -10.30 -25.10 6.54
C LEU A 18 -10.59 -23.90 7.44
N VAL A 19 -11.83 -23.78 7.91
CA VAL A 19 -12.18 -22.66 8.79
C VAL A 19 -11.45 -22.77 10.12
N GLU A 20 -11.41 -23.96 10.70
CA GLU A 20 -10.66 -24.15 11.94
C GLU A 20 -9.18 -23.85 11.73
N ALA A 21 -8.64 -24.21 10.56
CA ALA A 21 -7.24 -23.90 10.25
C ALA A 21 -7.01 -22.39 10.23
N LEU A 22 -8.02 -21.62 9.85
CA LEU A 22 -7.89 -20.16 9.86
C LEU A 22 -7.97 -19.61 11.28
N GLU A 23 -8.87 -20.19 12.10
CA GLU A 23 -8.98 -19.74 13.49
C GLU A 23 -7.68 -19.97 14.26
N ARG A 24 -6.95 -21.04 13.91
CA ARG A 24 -5.69 -21.32 14.60
C ARG A 24 -4.59 -20.36 14.19
N GLN A 25 -4.72 -19.71 13.03
CA GLN A 25 -3.75 -18.72 12.58
C GLN A 25 -4.08 -17.32 13.10
N GLY A 26 -5.12 -17.17 13.90
CA GLY A 26 -5.50 -15.87 14.43
C GLY A 26 -6.37 -15.03 13.52
N VAL A 27 -6.93 -15.62 12.46
CA VAL A 27 -7.80 -14.87 11.56
C VAL A 27 -9.11 -14.54 12.26
N GLU A 28 -9.57 -13.30 12.09
CA GLU A 28 -10.85 -12.86 12.63
C GLU A 28 -11.67 -12.08 11.63
N THR A 29 -11.14 -11.79 10.45
CA THR A 29 -11.88 -11.06 9.43
C THR A 29 -11.50 -11.61 8.06
N VAL A 30 -12.52 -11.99 7.28
CA VAL A 30 -12.32 -12.43 5.90
C VAL A 30 -13.25 -11.63 5.00
N PHE A 31 -12.90 -11.58 3.71
CA PHE A 31 -13.65 -10.84 2.70
C PHE A 31 -14.06 -11.85 1.62
N ALA A 32 -15.20 -12.50 1.83
CA ALA A 32 -15.63 -13.62 1.00
C ALA A 32 -16.89 -13.27 0.24
N TYR A 33 -16.89 -13.56 -1.06
CA TYR A 33 -18.07 -13.42 -1.91
C TYR A 33 -18.53 -14.80 -2.35
N PRO A 34 -19.76 -15.20 -2.06
CA PRO A 34 -20.15 -16.61 -2.24
C PRO A 34 -20.28 -17.00 -3.69
N GLY A 35 -20.20 -18.30 -3.93
CA GLY A 35 -20.35 -18.87 -5.25
C GLY A 35 -20.56 -20.37 -5.14
N GLY A 36 -20.81 -20.99 -6.28
CA GLY A 36 -21.13 -22.41 -6.28
C GLY A 36 -20.01 -23.28 -5.74
N ALA A 37 -18.77 -22.99 -6.14
CA ALA A 37 -17.63 -23.81 -5.75
C ALA A 37 -17.12 -23.51 -4.36
N SER A 38 -17.77 -22.62 -3.60
CA SER A 38 -17.29 -22.29 -2.27
C SER A 38 -18.42 -22.18 -1.25
N MET A 39 -19.59 -22.76 -1.54
CA MET A 39 -20.69 -22.71 -0.59
C MET A 39 -20.38 -23.48 0.68
N GLU A 40 -19.63 -24.58 0.57
CA GLU A 40 -19.25 -25.34 1.76
C GLU A 40 -18.39 -24.50 2.70
N ILE A 41 -17.54 -23.65 2.13
CA ILE A 41 -16.70 -22.78 2.96
C ILE A 41 -17.55 -21.71 3.63
N HIS A 42 -18.51 -21.13 2.91
CA HIS A 42 -19.38 -20.13 3.50
C HIS A 42 -20.29 -20.74 4.56
N GLN A 43 -20.74 -21.98 4.35
CA GLN A 43 -21.53 -22.66 5.36
C GLN A 43 -20.74 -22.88 6.63
N ALA A 44 -19.45 -23.20 6.50
CA ALA A 44 -18.60 -23.40 7.66
C ALA A 44 -18.20 -22.10 8.34
N LEU A 45 -18.26 -20.97 7.63
CA LEU A 45 -17.94 -19.69 8.24
C LEU A 45 -19.04 -19.23 9.20
N THR A 46 -20.30 -19.57 8.90
CA THR A 46 -21.39 -19.22 9.82
C THR A 46 -21.29 -20.00 11.12
N ARG A 47 -20.77 -21.23 11.07
CA ARG A 47 -20.59 -22.03 12.28
C ARG A 47 -19.49 -21.47 13.17
N SER A 48 -18.56 -20.69 12.61
CA SER A 48 -17.51 -20.09 13.41
C SER A 48 -18.02 -18.85 14.13
N SER A 49 -17.62 -18.70 15.39
CA SER A 49 -18.02 -17.56 16.20
C SER A 49 -16.92 -16.49 16.29
N SER A 50 -15.71 -16.79 15.85
CA SER A 50 -14.58 -15.88 15.97
C SER A 50 -14.13 -15.28 14.65
N ILE A 51 -14.79 -15.61 13.54
CA ILE A 51 -14.43 -15.10 12.23
C ILE A 51 -15.62 -14.33 11.66
N ARG A 52 -15.41 -13.06 11.36
CA ARG A 52 -16.41 -12.20 10.76
C ARG A 52 -16.18 -12.09 9.26
N ASN A 53 -17.25 -12.19 8.48
CA ASN A 53 -17.18 -12.09 7.03
C ASN A 53 -17.74 -10.75 6.57
N VAL A 54 -16.93 -10.01 5.82
CA VAL A 54 -17.35 -8.75 5.22
C VAL A 54 -17.69 -9.06 3.76
N LEU A 55 -18.98 -9.13 3.46
CA LEU A 55 -19.42 -9.45 2.11
C LEU A 55 -19.26 -8.22 1.20
N PRO A 56 -18.39 -8.28 0.19
CA PRO A 56 -18.28 -7.14 -0.73
C PRO A 56 -19.32 -7.22 -1.84
N ARG A 57 -19.24 -6.33 -2.83
CA ARG A 57 -20.13 -6.36 -3.97
CA ARG A 57 -20.13 -6.36 -3.97
C ARG A 57 -19.40 -6.69 -5.28
N HIS A 58 -18.11 -7.01 -5.19
CA HIS A 58 -17.29 -7.38 -6.33
C HIS A 58 -16.00 -7.98 -5.81
N GLU A 59 -15.58 -9.13 -6.36
CA GLU A 59 -14.41 -9.82 -5.81
C GLU A 59 -13.15 -8.96 -5.87
N GLN A 60 -13.04 -8.09 -6.88
CA GLN A 60 -11.91 -7.16 -6.90
C GLN A 60 -11.97 -6.21 -5.72
N GLY A 61 -13.17 -5.83 -5.28
CA GLY A 61 -13.30 -5.06 -4.06
C GLY A 61 -12.96 -5.86 -2.82
N GLY A 62 -13.14 -7.18 -2.87
CA GLY A 62 -12.80 -8.01 -1.73
C GLY A 62 -11.30 -8.15 -1.53
N VAL A 63 -10.55 -8.34 -2.62
CA VAL A 63 -9.12 -8.50 -2.50
C VAL A 63 -8.45 -7.15 -2.20
N PHE A 64 -9.00 -6.06 -2.76
CA PHE A 64 -8.49 -4.74 -2.43
C PHE A 64 -8.77 -4.38 -0.97
N ALA A 65 -9.90 -4.84 -0.43
CA ALA A 65 -10.17 -4.64 0.99
C ALA A 65 -9.23 -5.46 1.86
N ALA A 66 -8.86 -6.66 1.40
CA ALA A 66 -7.90 -7.47 2.13
C ALA A 66 -6.52 -6.82 2.14
N GLU A 67 -6.16 -6.08 1.08
CA GLU A 67 -4.91 -5.35 1.07
C GLU A 67 -4.93 -4.22 2.11
N GLY A 68 -5.99 -3.42 2.12
CA GLY A 68 -6.08 -2.35 3.10
C GLY A 68 -6.09 -2.88 4.53
N TYR A 69 -6.74 -4.03 4.75
CA TYR A 69 -6.68 -4.68 6.05
C TYR A 69 -5.25 -4.98 6.44
N ALA A 70 -4.43 -5.42 5.47
CA ALA A 70 -3.05 -5.80 5.75
C ALA A 70 -2.13 -4.58 5.79
N ARG A 71 -2.34 -3.63 4.88
CA ARG A 71 -1.47 -2.45 4.84
C ARG A 71 -1.61 -1.59 6.08
N SER A 72 -2.81 -1.55 6.68
CA SER A 72 -3.08 -0.66 7.80
C SER A 72 -2.86 -1.31 9.16
N SER A 73 -2.60 -2.60 9.22
CA SER A 73 -2.43 -3.26 10.51
C SER A 73 -1.15 -4.06 10.63
N GLY A 74 -0.75 -4.76 9.56
CA GLY A 74 0.38 -5.66 9.61
C GLY A 74 -0.02 -7.13 9.57
N LYS A 75 -1.25 -7.45 9.96
CA LYS A 75 -1.75 -8.81 9.80
C LYS A 75 -1.86 -9.16 8.32
N PRO A 76 -1.93 -10.45 8.00
CA PRO A 76 -2.24 -10.83 6.62
C PRO A 76 -3.71 -10.68 6.31
N GLY A 77 -3.99 -10.33 5.06
CA GLY A 77 -5.37 -10.20 4.60
C GLY A 77 -5.84 -11.49 3.96
N ILE A 78 -7.08 -11.86 4.27
CA ILE A 78 -7.67 -13.10 3.79
C ILE A 78 -8.93 -12.78 3.02
N CYS A 79 -8.95 -13.11 1.73
CA CYS A 79 -10.14 -13.02 0.90
C CYS A 79 -10.47 -14.40 0.34
N ILE A 80 -11.75 -14.64 0.10
CA ILE A 80 -12.23 -15.92 -0.39
C ILE A 80 -13.15 -15.67 -1.58
N ALA A 81 -12.96 -16.44 -2.65
CA ALA A 81 -13.75 -16.31 -3.86
C ALA A 81 -14.12 -17.68 -4.38
N THR A 82 -15.08 -17.71 -5.30
CA THR A 82 -15.49 -18.94 -5.95
C THR A 82 -14.58 -19.23 -7.14
N SER A 83 -14.84 -20.34 -7.82
CA SER A 83 -14.05 -20.71 -8.98
C SER A 83 -14.40 -19.82 -10.17
N GLY A 84 -13.65 -20.00 -11.25
CA GLY A 84 -13.94 -19.34 -12.50
C GLY A 84 -13.93 -17.83 -12.40
N PRO A 85 -15.09 -17.21 -12.62
CA PRO A 85 -15.15 -15.74 -12.63
C PRO A 85 -14.86 -15.11 -11.28
N GLY A 86 -15.05 -15.84 -10.18
CA GLY A 86 -14.68 -15.29 -8.89
C GLY A 86 -13.17 -15.20 -8.72
N ALA A 87 -12.44 -16.20 -9.20
CA ALA A 87 -10.98 -16.21 -9.04
C ALA A 87 -10.31 -15.20 -9.97
N THR A 88 -10.82 -15.06 -11.20
CA THR A 88 -10.20 -14.15 -12.15
C THR A 88 -10.42 -12.69 -11.78
N ASN A 89 -11.38 -12.39 -10.92
CA ASN A 89 -11.55 -11.02 -10.43
C ASN A 89 -10.56 -10.66 -9.33
N LEU A 90 -9.78 -11.62 -8.85
CA LEU A 90 -8.74 -11.35 -7.86
C LEU A 90 -7.39 -11.00 -8.49
N VAL A 91 -7.28 -11.07 -9.81
CA VAL A 91 -5.97 -10.98 -10.46
C VAL A 91 -5.35 -9.61 -10.25
N SER A 92 -6.14 -8.54 -10.37
CA SER A 92 -5.62 -7.20 -10.12
C SER A 92 -5.13 -7.04 -8.68
N GLY A 93 -5.79 -7.70 -7.72
CA GLY A 93 -5.37 -7.60 -6.34
C GLY A 93 -4.12 -8.41 -6.04
N LEU A 94 -4.00 -9.60 -6.64
CA LEU A 94 -2.83 -10.42 -6.41
C LEU A 94 -1.57 -9.78 -6.98
N ALA A 95 -1.67 -9.29 -8.23
CA ALA A 95 -0.51 -8.63 -8.84
C ALA A 95 -0.10 -7.39 -8.07
N ASP A 96 -1.07 -6.69 -7.45
CA ASP A 96 -0.73 -5.50 -6.67
C ASP A 96 -0.03 -5.87 -5.37
N ALA A 97 -0.54 -6.88 -4.67
CA ALA A 97 0.05 -7.29 -3.41
C ALA A 97 1.48 -7.81 -3.59
N LEU A 98 1.75 -8.45 -4.74
CA LEU A 98 3.10 -8.92 -5.00
C LEU A 98 4.05 -7.75 -5.26
N LEU A 99 3.61 -6.78 -6.06
CA LEU A 99 4.48 -5.66 -6.42
C LEU A 99 4.76 -4.74 -5.24
N ASP A 100 3.86 -4.69 -4.26
CA ASP A 100 4.04 -3.86 -3.08
C ASP A 100 4.37 -4.66 -1.83
N SER A 101 4.56 -5.97 -1.94
CA SER A 101 4.98 -6.83 -0.83
C SER A 101 4.01 -6.74 0.35
N VAL A 102 2.74 -7.01 0.06
CA VAL A 102 1.67 -6.99 1.06
C VAL A 102 1.33 -8.43 1.42
N PRO A 103 1.34 -8.79 2.71
CA PRO A 103 0.95 -10.16 3.10
C PRO A 103 -0.51 -10.43 2.77
N LEU A 104 -0.74 -11.45 1.96
CA LEU A 104 -2.08 -11.75 1.47
C LEU A 104 -2.22 -13.26 1.30
N VAL A 105 -3.40 -13.77 1.67
CA VAL A 105 -3.73 -15.18 1.51
C VAL A 105 -5.11 -15.26 0.87
N ALA A 106 -5.15 -15.70 -0.38
CA ALA A 106 -6.39 -15.81 -1.14
C ALA A 106 -6.79 -17.27 -1.27
N ILE A 107 -8.04 -17.56 -0.92
CA ILE A 107 -8.60 -18.90 -1.01
C ILE A 107 -9.70 -18.88 -2.06
N THR A 108 -9.59 -19.77 -3.05
CA THR A 108 -10.59 -19.86 -4.10
C THR A 108 -11.12 -21.28 -4.20
N GLY A 109 -12.41 -21.40 -4.47
CA GLY A 109 -12.99 -22.70 -4.76
C GLY A 109 -12.57 -23.19 -6.13
N GLN A 110 -12.90 -24.45 -6.39
CA GLN A 110 -12.56 -25.07 -7.66
C GLN A 110 -13.49 -26.24 -7.90
N VAL A 111 -13.69 -26.58 -9.17
CA VAL A 111 -14.45 -27.77 -9.56
C VAL A 111 -13.81 -28.99 -8.92
N PRO A 112 -14.55 -30.07 -8.69
CA PRO A 112 -13.96 -31.25 -8.05
C PRO A 112 -12.75 -31.77 -8.82
N ARG A 113 -11.91 -32.53 -8.10
CA ARG A 113 -10.62 -32.96 -8.64
C ARG A 113 -10.78 -33.68 -9.97
N ARG A 114 -11.79 -34.54 -10.08
CA ARG A 114 -12.02 -35.32 -11.29
C ARG A 114 -12.55 -34.48 -12.46
N MET A 115 -12.63 -33.16 -12.38
CA MET A 115 -13.14 -32.34 -13.47
C MET A 115 -12.16 -31.26 -13.92
N ILE A 116 -10.97 -31.19 -13.34
CA ILE A 116 -9.99 -30.18 -13.71
C ILE A 116 -9.35 -30.58 -15.03
N GLY A 117 -9.35 -29.65 -15.99
CA GLY A 117 -8.81 -29.93 -17.31
C GLY A 117 -9.84 -30.39 -18.32
N THR A 118 -11.13 -30.19 -18.05
CA THR A 118 -12.20 -30.62 -18.94
C THR A 118 -13.04 -29.45 -19.45
N ASP A 119 -12.55 -28.22 -19.29
CA ASP A 119 -13.33 -27.02 -19.62
C ASP A 119 -14.69 -27.06 -18.92
N ALA A 120 -14.65 -27.39 -17.62
CA ALA A 120 -15.86 -27.59 -16.84
C ALA A 120 -16.56 -26.26 -16.60
N PHE A 121 -17.70 -26.34 -15.93
CA PHE A 121 -18.49 -25.15 -15.61
C PHE A 121 -17.77 -24.32 -14.55
N GLN A 122 -17.57 -23.03 -14.86
CA GLN A 122 -16.87 -22.10 -13.96
C GLN A 122 -15.49 -22.60 -13.58
N GLU A 123 -14.79 -23.20 -14.55
CA GLU A 123 -13.48 -23.78 -14.32
C GLU A 123 -12.43 -22.98 -15.09
N THR A 124 -11.42 -22.49 -14.37
CA THR A 124 -10.29 -21.78 -14.97
C THR A 124 -9.01 -22.27 -14.30
N PRO A 125 -7.95 -22.48 -15.08
CA PRO A 125 -6.67 -22.90 -14.49
C PRO A 125 -6.07 -21.79 -13.64
N ILE A 126 -6.57 -21.64 -12.41
CA ILE A 126 -6.20 -20.48 -11.60
C ILE A 126 -4.78 -20.59 -11.07
N VAL A 127 -4.27 -21.81 -10.91
CA VAL A 127 -2.90 -21.97 -10.43
C VAL A 127 -1.90 -21.62 -11.52
N GLU A 128 -2.19 -21.98 -12.77
CA GLU A 128 -1.28 -21.68 -13.86
C GLU A 128 -1.33 -20.21 -14.25
N VAL A 129 -2.47 -19.55 -14.03
CA VAL A 129 -2.59 -18.13 -14.37
C VAL A 129 -1.81 -17.28 -13.38
N THR A 130 -1.99 -17.53 -12.09
CA THR A 130 -1.44 -16.68 -11.04
C THR A 130 -0.04 -17.09 -10.60
N ARG A 131 0.58 -18.06 -11.28
CA ARG A 131 1.90 -18.52 -10.86
C ARG A 131 2.94 -17.40 -10.93
N SER A 132 2.73 -16.42 -11.80
CA SER A 132 3.68 -15.34 -12.01
C SER A 132 3.30 -14.06 -11.29
N ILE A 133 2.19 -14.04 -10.55
CA ILE A 133 1.76 -12.84 -9.84
C ILE A 133 1.48 -13.15 -8.38
N THR A 134 2.03 -14.26 -7.89
CA THR A 134 1.94 -14.62 -6.48
C THR A 134 3.31 -15.08 -5.99
N LYS A 135 3.52 -14.94 -4.68
CA LYS A 135 4.74 -15.49 -4.08
C LYS A 135 4.76 -17.00 -4.21
N HIS A 136 3.60 -17.64 -4.04
CA HIS A 136 3.43 -19.08 -4.20
C HIS A 136 1.96 -19.37 -4.27
N ASN A 137 1.61 -20.53 -4.83
CA ASN A 137 0.24 -20.98 -4.87
C ASN A 137 0.20 -22.49 -4.66
N TYR A 138 -1.00 -22.99 -4.34
CA TYR A 138 -1.20 -24.39 -4.05
C TYR A 138 -2.47 -24.88 -4.73
N LEU A 139 -2.52 -26.19 -4.98
CA LEU A 139 -3.73 -26.87 -5.41
C LEU A 139 -3.93 -28.07 -4.50
N VAL A 140 -4.95 -28.01 -3.65
CA VAL A 140 -5.18 -29.04 -2.64
C VAL A 140 -5.70 -30.28 -3.34
N MET A 141 -4.92 -31.36 -3.31
CA MET A 141 -5.30 -32.63 -3.92
C MET A 141 -5.84 -33.64 -2.93
N ASP A 142 -5.79 -33.35 -1.64
CA ASP A 142 -6.29 -34.26 -0.62
C ASP A 142 -6.69 -33.47 0.62
N VAL A 143 -7.79 -33.87 1.24
CA VAL A 143 -8.26 -33.21 2.46
C VAL A 143 -7.25 -33.35 3.58
N GLU A 144 -6.36 -34.34 3.51
CA GLU A 144 -5.34 -34.51 4.54
C GLU A 144 -4.34 -33.36 4.55
N ASP A 145 -4.08 -32.77 3.38
CA ASP A 145 -3.06 -31.73 3.26
C ASP A 145 -3.55 -30.34 3.66
N ILE A 146 -4.81 -30.20 4.06
CA ILE A 146 -5.34 -28.86 4.38
C ILE A 146 -4.64 -28.22 5.57
N PRO A 147 -4.48 -28.88 6.72
CA PRO A 147 -3.81 -28.20 7.85
C PRO A 147 -2.39 -27.77 7.54
N ARG A 148 -1.68 -28.51 6.69
CA ARG A 148 -0.29 -28.16 6.40
C ARG A 148 -0.20 -27.03 5.39
N ILE A 149 -1.03 -27.05 4.34
CA ILE A 149 -0.96 -26.03 3.30
C ILE A 149 -1.35 -24.66 3.85
N ILE A 150 -2.36 -24.62 4.73
CA ILE A 150 -2.76 -23.35 5.33
C ILE A 150 -1.64 -22.79 6.19
N GLU A 151 -0.94 -23.66 6.92
CA GLU A 151 0.19 -23.21 7.73
C GLU A 151 1.31 -22.67 6.85
N GLU A 152 1.60 -23.34 5.74
CA GLU A 152 2.64 -22.87 4.82
C GLU A 152 2.22 -21.58 4.13
N ALA A 153 0.92 -21.38 3.90
CA ALA A 153 0.46 -20.19 3.19
C ALA A 153 0.63 -18.94 4.04
N PHE A 154 0.16 -18.99 5.30
CA PHE A 154 0.33 -17.86 6.19
C PHE A 154 1.78 -17.63 6.57
N PHE A 155 2.62 -18.66 6.48
CA PHE A 155 4.04 -18.49 6.74
C PHE A 155 4.74 -17.79 5.58
N LEU A 156 4.52 -18.29 4.36
CA LEU A 156 5.15 -17.68 3.19
C LEU A 156 4.67 -16.25 2.96
N ALA A 157 3.41 -15.96 3.29
CA ALA A 157 2.84 -14.64 3.00
C ALA A 157 3.35 -13.56 3.94
N THR A 158 3.77 -13.93 5.16
CA THR A 158 4.16 -12.95 6.16
C THR A 158 5.65 -12.91 6.45
N SER A 159 6.39 -13.96 6.12
CA SER A 159 7.81 -14.05 6.43
C SER A 159 8.67 -13.58 5.27
N GLY A 160 9.89 -13.19 5.59
CA GLY A 160 10.79 -12.67 4.56
C GLY A 160 10.23 -11.43 3.94
N ARG A 161 10.23 -11.39 2.61
CA ARG A 161 9.54 -10.32 1.88
C ARG A 161 8.10 -10.75 1.69
N PRO A 162 7.13 -10.08 2.31
CA PRO A 162 5.74 -10.55 2.25
C PRO A 162 5.20 -10.52 0.83
N GLY A 163 4.12 -11.27 0.62
CA GLY A 163 3.50 -11.37 -0.67
C GLY A 163 2.23 -12.20 -0.63
N PRO A 164 1.51 -12.24 -1.75
CA PRO A 164 0.25 -13.00 -1.80
C PRO A 164 0.51 -14.49 -2.03
N VAL A 165 -0.32 -15.30 -1.38
CA VAL A 165 -0.28 -16.76 -1.53
C VAL A 165 -1.70 -17.23 -1.81
N LEU A 166 -1.90 -17.93 -2.91
CA LEU A 166 -3.21 -18.42 -3.32
C LEU A 166 -3.33 -19.90 -2.99
N VAL A 167 -4.53 -20.32 -2.59
CA VAL A 167 -4.81 -21.72 -2.25
C VAL A 167 -6.11 -22.09 -2.95
N ASP A 168 -6.03 -22.97 -3.95
CA ASP A 168 -7.20 -23.44 -4.68
C ASP A 168 -7.67 -24.76 -4.08
N VAL A 169 -8.95 -24.82 -3.74
CA VAL A 169 -9.55 -25.96 -3.05
C VAL A 169 -10.70 -26.49 -3.90
N PRO A 170 -10.62 -27.71 -4.40
CA PRO A 170 -11.76 -28.27 -5.15
C PRO A 170 -12.97 -28.50 -4.25
N LYS A 171 -14.13 -28.62 -4.88
CA LYS A 171 -15.37 -28.71 -4.12
C LYS A 171 -15.51 -30.07 -3.43
N ASP A 172 -15.03 -31.13 -4.08
CA ASP A 172 -15.13 -32.45 -3.47
C ASP A 172 -14.21 -32.60 -2.25
N ILE A 173 -13.19 -31.76 -2.13
CA ILE A 173 -12.35 -31.77 -0.94
C ILE A 173 -13.06 -31.06 0.21
N GLN A 174 -13.82 -30.01 -0.09
CA GLN A 174 -14.58 -29.31 0.95
C GLN A 174 -15.66 -30.20 1.54
N GLN A 175 -16.15 -31.17 0.77
CA GLN A 175 -17.22 -32.06 1.22
C GLN A 175 -16.72 -33.36 1.84
N GLN A 176 -15.45 -33.70 1.63
CA GLN A 176 -14.92 -34.95 2.15
C GLN A 176 -14.72 -34.86 3.66
N LEU A 177 -14.99 -35.98 4.34
CA LEU A 177 -14.84 -36.06 5.79
C LEU A 177 -13.44 -36.56 6.14
N ALA A 178 -12.88 -36.03 7.22
CA ALA A 178 -11.55 -36.44 7.67
C ALA A 178 -11.36 -35.95 9.10
N ILE A 179 -10.28 -36.43 9.71
CA ILE A 179 -9.85 -36.01 11.04
C ILE A 179 -8.51 -35.28 10.88
N PRO A 180 -8.44 -33.98 11.11
CA PRO A 180 -7.21 -33.23 10.80
C PRO A 180 -6.10 -33.51 11.80
N ASN A 181 -4.87 -33.57 11.29
CA ASN A 181 -3.67 -33.69 12.11
C ASN A 181 -2.98 -32.32 12.13
N TRP A 182 -3.10 -31.63 13.26
CA TRP A 182 -2.54 -30.29 13.40
C TRP A 182 -1.07 -30.28 13.75
N GLU A 183 -0.41 -31.45 13.75
CA GLU A 183 1.01 -31.56 14.06
C GLU A 183 1.87 -31.73 12.82
N GLN A 184 1.35 -31.36 11.65
CA GLN A 184 2.09 -31.54 10.41
C GLN A 184 3.29 -30.60 10.35
N ALA A 185 4.41 -31.13 9.87
CA ALA A 185 5.60 -30.33 9.65
C ALA A 185 5.60 -29.75 8.25
N MET A 186 5.93 -28.46 8.15
CA MET A 186 5.89 -27.77 6.87
C MET A 186 6.95 -28.33 5.92
N ARG A 187 6.60 -28.40 4.64
CA ARG A 187 7.51 -28.89 3.61
C ARG A 187 8.14 -27.71 2.85
N LEU A 188 8.93 -26.92 3.60
CA LEU A 188 9.63 -25.76 3.04
C LEU A 188 11.11 -25.84 3.39
N PRO A 189 11.84 -26.83 2.85
CA PRO A 189 13.27 -26.95 3.18
C PRO A 189 14.11 -25.84 2.56
N GLY A 190 13.99 -25.66 1.25
CA GLY A 190 14.80 -24.69 0.53
C GLY A 190 14.48 -23.24 0.85
N TYR A 191 13.24 -22.95 1.25
CA TYR A 191 12.88 -21.57 1.58
C TYR A 191 13.41 -21.16 2.95
N MET A 192 13.30 -22.05 3.93
CA MET A 192 13.77 -21.74 5.28
C MET A 192 15.29 -21.71 5.36
N SER A 193 15.97 -22.54 4.55
CA SER A 193 17.43 -22.54 4.55
C SER A 193 18.00 -21.26 3.96
N ARG A 194 17.31 -20.66 2.99
CA ARG A 194 17.73 -19.42 2.38
C ARG A 194 17.25 -18.18 3.13
N MET A 195 16.57 -18.36 4.26
CA MET A 195 16.10 -17.24 5.02
C MET A 195 17.27 -16.42 5.59
N PRO A 196 17.12 -15.11 5.68
CA PRO A 196 18.23 -14.28 6.16
C PRO A 196 18.47 -14.46 7.65
N LYS A 197 19.75 -14.42 8.02
CA LYS A 197 20.18 -14.49 9.41
C LYS A 197 20.29 -13.10 9.99
N PRO A 198 20.37 -12.97 11.32
CA PRO A 198 20.59 -11.66 11.91
C PRO A 198 21.90 -11.07 11.42
N PRO A 199 21.97 -9.74 11.31
CA PRO A 199 23.15 -9.12 10.68
C PRO A 199 24.40 -9.26 11.54
N GLU A 200 25.53 -9.39 10.86
CA GLU A 200 26.82 -9.54 11.53
C GLU A 200 27.34 -8.20 12.01
N ASP A 201 28.00 -8.22 13.17
CA ASP A 201 28.65 -7.01 13.66
C ASP A 201 29.80 -6.57 12.77
N SER A 202 30.37 -7.48 11.99
CA SER A 202 31.40 -7.11 11.03
C SER A 202 30.84 -6.15 9.98
N HIS A 203 29.65 -6.44 9.47
CA HIS A 203 29.03 -5.54 8.49
C HIS A 203 28.57 -4.24 9.14
N LEU A 204 27.94 -4.33 10.31
CA LEU A 204 27.34 -3.15 10.93
C LEU A 204 28.38 -2.13 11.35
N GLU A 205 29.55 -2.58 11.81
CA GLU A 205 30.57 -1.63 12.24
C GLU A 205 31.23 -0.90 11.08
N GLN A 206 31.23 -1.49 9.88
CA GLN A 206 31.71 -0.77 8.71
C GLN A 206 30.70 0.26 8.22
N ILE A 207 29.42 0.03 8.50
CA ILE A 207 28.40 1.03 8.16
C ILE A 207 28.59 2.27 9.01
N VAL A 208 28.68 2.09 10.34
CA VAL A 208 28.96 3.21 11.23
C VAL A 208 30.28 3.87 10.87
N ARG A 209 31.25 3.08 10.41
CA ARG A 209 32.54 3.64 9.99
C ARG A 209 32.39 4.55 8.78
N LEU A 210 31.61 4.13 7.79
CA LEU A 210 31.41 4.94 6.59
C LEU A 210 30.62 6.21 6.87
N ILE A 211 29.86 6.25 7.96
CA ILE A 211 29.09 7.45 8.29
C ILE A 211 30.01 8.55 8.79
N SER A 212 30.97 8.20 9.66
CA SER A 212 31.88 9.20 10.20
C SER A 212 32.83 9.75 9.14
N GLU A 213 33.12 8.96 8.11
CA GLU A 213 33.97 9.41 7.01
C GLU A 213 33.23 10.29 6.02
N SER A 214 31.90 10.31 6.08
CA SER A 214 31.08 11.01 5.10
C SER A 214 30.82 12.45 5.53
N LYS A 215 30.66 13.33 4.54
CA LYS A 215 30.30 14.72 4.77
C LYS A 215 28.87 15.05 4.38
N LYS A 216 28.33 14.41 3.34
CA LYS A 216 26.98 14.67 2.86
C LYS A 216 26.21 13.35 2.77
N PRO A 217 25.67 12.87 3.90
CA PRO A 217 24.90 11.62 3.85
C PRO A 217 23.40 11.83 3.76
N VAL A 218 22.69 10.92 3.09
CA VAL A 218 21.24 10.97 2.97
C VAL A 218 20.67 9.59 3.27
N LEU A 219 19.54 9.57 3.97
CA LEU A 219 18.80 8.34 4.23
C LEU A 219 17.74 8.14 3.14
N TYR A 220 17.72 6.95 2.56
CA TYR A 220 16.81 6.58 1.47
C TYR A 220 15.88 5.50 2.03
N VAL A 221 14.76 5.93 2.60
CA VAL A 221 13.85 5.07 3.35
C VAL A 221 12.69 4.65 2.45
N GLY A 222 12.34 3.37 2.51
CA GLY A 222 11.26 2.85 1.69
C GLY A 222 10.25 2.02 2.45
N GLY A 223 9.49 1.19 1.73
CA GLY A 223 8.42 0.40 2.32
C GLY A 223 8.87 -0.72 3.24
N GLY A 224 10.16 -1.05 3.23
CA GLY A 224 10.64 -2.11 4.12
C GLY A 224 10.76 -1.71 5.57
N CYS A 225 10.76 -0.41 5.86
CA CYS A 225 10.95 0.07 7.21
C CYS A 225 9.70 -0.18 8.05
N LEU A 226 8.63 0.58 7.79
CA LEU A 226 7.30 0.40 8.36
C LEU A 226 7.30 -0.14 9.79
N ASN A 227 7.64 -1.43 9.96
CA ASN A 227 7.71 -2.00 11.29
C ASN A 227 8.81 -1.38 12.13
N SER A 228 9.83 -0.79 11.49
CA SER A 228 10.97 -0.20 12.17
C SER A 228 10.81 1.30 12.38
N SER A 229 9.62 1.74 12.78
CA SER A 229 9.38 3.17 12.97
C SER A 229 10.25 3.73 14.10
N ASP A 230 10.22 3.09 15.26
CA ASP A 230 10.98 3.58 16.40
C ASP A 230 12.48 3.48 16.16
N GLU A 231 12.93 2.32 15.67
CA GLU A 231 14.36 2.10 15.44
C GLU A 231 14.93 3.13 14.47
N LEU A 232 14.14 3.51 13.46
CA LEU A 232 14.61 4.51 12.50
C LEU A 232 14.74 5.88 13.14
N GLY A 233 13.72 6.29 13.91
CA GLY A 233 13.79 7.57 14.58
C GLY A 233 14.93 7.65 15.57
N ARG A 234 15.20 6.57 16.28
CA ARG A 234 16.35 6.52 17.17
C ARG A 234 17.65 6.62 16.39
N PHE A 235 17.71 6.00 15.22
CA PHE A 235 18.91 6.08 14.39
C PHE A 235 19.17 7.50 13.89
N VAL A 236 18.11 8.28 13.67
CA VAL A 236 18.29 9.63 13.17
C VAL A 236 18.74 10.57 14.29
N GLU A 237 18.30 10.32 15.52
CA GLU A 237 18.76 11.14 16.65
C GLU A 237 20.27 11.07 16.80
N LEU A 238 20.85 9.88 16.61
CA LEU A 238 22.27 9.69 16.84
C LEU A 238 23.12 10.19 15.69
N THR A 239 22.62 10.12 14.45
CA THR A 239 23.38 10.55 13.29
C THR A 239 23.00 11.93 12.79
N GLY A 240 21.73 12.32 12.92
CA GLY A 240 21.29 13.60 12.39
C GLY A 240 21.30 13.69 10.88
N ILE A 241 21.03 12.58 10.20
CA ILE A 241 21.06 12.51 8.74
C ILE A 241 19.66 12.80 8.21
N PRO A 242 19.53 13.64 7.18
CA PRO A 242 18.20 13.87 6.59
C PRO A 242 17.60 12.61 5.99
N VAL A 243 16.28 12.54 6.00
CA VAL A 243 15.54 11.33 5.65
C VAL A 243 14.67 11.63 4.42
N ALA A 244 14.99 10.98 3.30
CA ALA A 244 14.16 11.01 2.12
C ALA A 244 13.39 9.68 2.03
N SER A 245 12.11 9.77 1.64
CA SER A 245 11.22 8.62 1.67
C SER A 245 10.62 8.37 0.30
N THR A 246 10.30 7.11 0.03
CA THR A 246 9.59 6.74 -1.19
C THR A 246 8.09 6.89 -0.98
N LEU A 247 7.32 6.57 -2.03
CA LEU A 247 5.87 6.57 -1.89
C LEU A 247 5.40 5.53 -0.88
N MET A 248 6.14 4.43 -0.75
CA MET A 248 5.74 3.34 0.13
C MET A 248 6.23 3.53 1.56
N GLY A 249 7.27 4.33 1.77
CA GLY A 249 7.82 4.56 3.09
C GLY A 249 7.29 5.77 3.82
N LEU A 250 6.23 6.41 3.31
CA LEU A 250 5.68 7.58 3.97
C LEU A 250 5.16 7.20 5.35
N GLY A 251 5.56 7.99 6.36
CA GLY A 251 5.20 7.72 7.73
C GLY A 251 6.26 6.99 8.53
N SER A 252 7.18 6.28 7.86
CA SER A 252 8.27 5.62 8.56
C SER A 252 9.07 6.63 9.39
N TYR A 253 9.38 7.77 8.80
CA TYR A 253 9.90 8.91 9.52
C TYR A 253 8.89 10.05 9.41
N PRO A 254 8.50 10.68 10.52
CA PRO A 254 7.43 11.69 10.47
C PRO A 254 7.74 12.82 9.50
N GLU A 255 6.73 13.23 8.75
CA GLU A 255 6.90 14.26 7.73
C GLU A 255 6.93 15.66 8.32
N ASP A 256 6.42 15.84 9.53
CA ASP A 256 6.42 17.17 10.15
CA ASP A 256 6.41 17.15 10.18
C ASP A 256 7.74 17.51 10.82
N ASP A 257 8.68 16.57 10.89
CA ASP A 257 9.98 16.83 11.50
C ASP A 257 10.82 17.74 10.60
N GLU A 258 11.77 18.45 11.22
CA GLU A 258 12.63 19.35 10.48
C GLU A 258 13.70 18.61 9.68
N LEU A 259 14.03 17.38 10.07
CA LEU A 259 15.01 16.58 9.35
C LEU A 259 14.41 15.83 8.17
N SER A 260 13.14 16.04 7.87
CA SER A 260 12.45 15.30 6.83
C SER A 260 12.62 16.00 5.48
N LEU A 261 13.11 15.26 4.49
CA LEU A 261 13.14 15.71 3.11
C LEU A 261 11.88 15.35 2.35
N HIS A 262 10.90 14.72 3.01
CA HIS A 262 9.64 14.28 2.42
C HIS A 262 9.96 13.28 1.30
N MET A 263 9.12 13.21 0.27
CA MET A 263 9.26 12.20 -0.76
C MET A 263 10.24 12.64 -1.83
N LEU A 264 10.99 11.68 -2.34
CA LEU A 264 11.87 11.86 -3.49
C LEU A 264 11.35 11.06 -4.67
N GLY A 265 11.87 11.37 -5.85
CA GLY A 265 11.57 10.61 -7.05
C GLY A 265 11.02 11.48 -8.17
N MET A 266 10.21 10.85 -9.03
CA MET A 266 9.68 11.53 -10.20
C MET A 266 8.87 12.77 -9.81
N HIS A 267 7.88 12.60 -8.94
CA HIS A 267 7.13 13.72 -8.37
C HIS A 267 7.57 14.02 -6.95
N GLY A 268 8.86 13.87 -6.66
CA GLY A 268 9.39 14.20 -5.36
C GLY A 268 9.83 15.65 -5.26
N THR A 269 10.07 16.09 -4.03
CA THR A 269 10.46 17.47 -3.79
C THR A 269 11.83 17.74 -4.40
N VAL A 270 12.07 19.01 -4.75
CA VAL A 270 13.33 19.39 -5.37
C VAL A 270 14.48 19.17 -4.40
N TYR A 271 14.26 19.43 -3.10
CA TYR A 271 15.34 19.33 -2.14
C TYR A 271 15.68 17.87 -1.81
N ALA A 272 14.70 16.97 -1.85
CA ALA A 272 14.99 15.56 -1.61
C ALA A 272 15.82 14.98 -2.75
N ASN A 273 15.43 15.25 -3.99
CA ASN A 273 16.22 14.79 -5.13
C ASN A 273 17.57 15.49 -5.18
N TYR A 274 17.65 16.73 -4.70
CA TYR A 274 18.93 17.43 -4.63
C TYR A 274 19.89 16.73 -3.69
N ALA A 275 19.40 16.36 -2.50
CA ALA A 275 20.26 15.71 -1.52
C ALA A 275 20.85 14.40 -2.06
N VAL A 276 20.03 13.64 -2.79
CA VAL A 276 20.52 12.40 -3.37
C VAL A 276 21.53 12.68 -4.48
N GLU A 277 21.30 13.75 -5.26
CA GLU A 277 22.15 14.02 -6.40
C GLU A 277 23.56 14.43 -5.96
N HIS A 278 23.67 15.17 -4.86
CA HIS A 278 24.95 15.68 -4.37
C HIS A 278 25.35 15.07 -3.04
N SER A 279 25.05 13.79 -2.84
CA SER A 279 25.46 13.07 -1.64
C SER A 279 26.72 12.26 -1.92
N ASP A 280 27.44 11.97 -0.85
CA ASP A 280 28.57 11.05 -0.90
C ASP A 280 28.28 9.71 -0.24
N LEU A 281 27.29 9.64 0.64
CA LEU A 281 26.86 8.39 1.26
C LEU A 281 25.35 8.29 1.19
N LEU A 282 24.86 7.18 0.66
CA LEU A 282 23.43 6.94 0.53
C LEU A 282 23.07 5.68 1.30
N LEU A 283 22.22 5.84 2.33
CA LEU A 283 21.78 4.72 3.16
C LEU A 283 20.39 4.31 2.70
N ALA A 284 20.32 3.27 1.86
CA ALA A 284 19.08 2.81 1.26
C ALA A 284 18.52 1.66 2.09
N PHE A 285 17.55 1.98 2.95
CA PHE A 285 16.95 1.00 3.85
C PHE A 285 15.54 0.68 3.38
N GLY A 286 15.32 -0.58 3.01
CA GLY A 286 13.99 -1.03 2.64
C GLY A 286 13.46 -0.47 1.35
N VAL A 287 14.32 -0.31 0.34
CA VAL A 287 13.94 0.20 -0.97
C VAL A 287 14.29 -0.83 -2.02
N ARG A 288 13.74 -0.64 -3.23
CA ARG A 288 14.04 -1.52 -4.34
C ARG A 288 14.55 -0.76 -5.57
N PHE A 289 14.85 0.53 -5.43
CA PHE A 289 15.47 1.33 -6.49
C PHE A 289 14.60 1.35 -7.76
N ASP A 290 13.34 1.73 -7.60
CA ASP A 290 12.43 1.79 -8.73
C ASP A 290 12.81 2.93 -9.68
N ASP A 291 12.46 2.76 -10.95
CA ASP A 291 12.72 3.81 -11.94
C ASP A 291 11.88 5.04 -11.69
N ARG A 292 10.82 4.94 -10.88
CA ARG A 292 10.10 6.12 -10.44
C ARG A 292 10.92 6.97 -9.49
N VAL A 293 11.95 6.39 -8.86
CA VAL A 293 12.81 7.09 -7.93
C VAL A 293 14.12 7.51 -8.59
N THR A 294 14.70 6.62 -9.39
CA THR A 294 16.04 6.83 -9.93
C THR A 294 16.03 7.53 -11.28
N GLY A 295 15.15 7.12 -12.19
CA GLY A 295 15.20 7.61 -13.56
C GLY A 295 16.37 7.00 -14.30
N LYS A 296 17.34 7.82 -14.67
CA LYS A 296 18.57 7.30 -15.27
C LYS A 296 19.50 6.83 -14.16
N LEU A 297 19.77 5.52 -14.13
CA LEU A 297 20.53 4.93 -13.03
C LEU A 297 21.97 5.42 -12.97
N GLU A 298 22.51 5.90 -14.10
CA GLU A 298 23.89 6.37 -14.11
C GLU A 298 24.06 7.73 -13.45
N ALA A 299 22.99 8.54 -13.39
CA ALA A 299 23.03 9.84 -12.76
C ALA A 299 22.45 9.84 -11.36
N PHE A 300 21.89 8.71 -10.92
CA PHE A 300 21.27 8.61 -9.60
C PHE A 300 22.34 8.36 -8.55
N ALA A 301 22.56 9.33 -7.67
CA ALA A 301 23.60 9.26 -6.64
C ALA A 301 24.95 8.92 -7.26
N SER A 302 25.32 9.67 -8.29
CA SER A 302 26.49 9.35 -9.08
C SER A 302 27.79 9.51 -8.28
N ARG A 303 27.79 10.39 -7.27
CA ARG A 303 28.98 10.65 -6.48
C ARG A 303 28.84 10.13 -5.05
N ALA A 304 28.08 9.05 -4.86
CA ALA A 304 27.75 8.56 -3.54
C ALA A 304 28.14 7.10 -3.37
N LYS A 305 28.64 6.77 -2.18
CA LYS A 305 28.84 5.38 -1.79
C LYS A 305 27.52 4.84 -1.26
N ILE A 306 27.05 3.75 -1.83
CA ILE A 306 25.67 3.28 -1.64
C ILE A 306 25.67 2.10 -0.68
N VAL A 307 24.88 2.22 0.38
CA VAL A 307 24.66 1.15 1.35
C VAL A 307 23.23 0.67 1.20
N HIS A 308 23.07 -0.63 0.96
CA HIS A 308 21.76 -1.21 0.68
C HIS A 308 21.46 -2.32 1.69
N ILE A 309 20.31 -2.22 2.35
CA ILE A 309 19.84 -3.22 3.30
C ILE A 309 18.47 -3.70 2.82
N ASP A 310 18.35 -5.02 2.62
CA ASP A 310 17.10 -5.58 2.12
C ASP A 310 17.01 -7.04 2.56
N ILE A 311 15.79 -7.47 2.87
CA ILE A 311 15.57 -8.86 3.31
C ILE A 311 15.52 -9.83 2.15
N ASP A 312 15.54 -9.35 0.91
CA ASP A 312 15.50 -10.18 -0.29
C ASP A 312 16.85 -10.06 -0.99
N SER A 313 17.61 -11.16 -0.98
CA SER A 313 18.94 -11.15 -1.59
C SER A 313 18.88 -10.93 -3.09
N ALA A 314 17.71 -11.11 -3.72
CA ALA A 314 17.59 -10.89 -5.15
C ALA A 314 17.55 -9.40 -5.49
N GLU A 315 17.13 -8.57 -4.54
CA GLU A 315 17.01 -7.14 -4.79
C GLU A 315 18.33 -6.39 -4.67
N ILE A 316 19.30 -6.95 -3.95
CA ILE A 316 20.58 -6.27 -3.72
C ILE A 316 21.44 -6.44 -4.97
N GLY A 317 21.72 -5.33 -5.64
CA GLY A 317 22.50 -5.35 -6.86
C GLY A 317 21.72 -5.54 -8.13
N LYS A 318 20.40 -5.38 -8.09
CA LYS A 318 19.59 -5.59 -9.28
C LYS A 318 19.77 -4.47 -10.30
N ASN A 319 19.50 -3.22 -9.88
CA ASN A 319 19.63 -2.06 -10.75
C ASN A 319 20.89 -1.25 -10.46
N LYS A 320 21.13 -0.92 -9.20
CA LYS A 320 22.30 -0.16 -8.79
C LYS A 320 23.22 -1.04 -7.96
N THR A 321 24.52 -0.95 -8.23
CA THR A 321 25.49 -1.80 -7.53
C THR A 321 25.99 -1.08 -6.28
N PRO A 322 25.76 -1.62 -5.09
CA PRO A 322 26.20 -0.94 -3.87
C PRO A 322 27.65 -1.28 -3.54
N HIS A 323 28.25 -0.41 -2.73
CA HIS A 323 29.55 -0.70 -2.16
C HIS A 323 29.39 -1.75 -1.07
N VAL A 324 28.79 -1.37 0.04
CA VAL A 324 28.50 -2.28 1.15
C VAL A 324 27.03 -2.69 1.07
N SER A 325 26.75 -3.95 1.40
CA SER A 325 25.39 -4.47 1.37
C SER A 325 25.16 -5.36 2.57
N VAL A 326 23.90 -5.42 3.02
CA VAL A 326 23.50 -6.23 4.15
C VAL A 326 22.17 -6.87 3.82
N CYS A 327 22.14 -8.20 3.76
CA CYS A 327 20.92 -8.96 3.49
C CYS A 327 20.31 -9.38 4.82
N GLY A 328 19.19 -8.79 5.17
CA GLY A 328 18.53 -9.12 6.42
C GLY A 328 17.46 -8.10 6.76
N ASP A 329 16.90 -8.25 7.96
CA ASP A 329 15.85 -7.36 8.43
C ASP A 329 16.44 -6.00 8.78
N VAL A 330 15.87 -4.94 8.19
CA VAL A 330 16.32 -3.59 8.48
C VAL A 330 16.04 -3.22 9.93
N LYS A 331 15.06 -3.86 10.56
CA LYS A 331 14.76 -3.59 11.97
C LYS A 331 15.90 -4.04 12.86
N LEU A 332 16.52 -5.18 12.55
CA LEU A 332 17.65 -5.67 13.34
C LEU A 332 18.93 -4.89 13.04
N ALA A 333 19.11 -4.45 11.79
CA ALA A 333 20.30 -3.67 11.45
C ALA A 333 20.31 -2.35 12.19
N LEU A 334 19.15 -1.70 12.31
CA LEU A 334 19.08 -0.44 13.05
C LEU A 334 19.35 -0.64 14.53
N GLN A 335 18.78 -1.70 15.11
CA GLN A 335 19.04 -1.98 16.53
C GLN A 335 20.52 -2.22 16.79
N GLY A 336 21.19 -2.95 15.88
CA GLY A 336 22.60 -3.20 16.07
C GLY A 336 23.47 -1.97 15.87
N MET A 337 23.07 -1.07 14.98
CA MET A 337 23.84 0.14 14.76
C MET A 337 23.56 1.20 15.83
N ASN A 338 22.36 1.19 16.43
CA ASN A 338 22.09 2.11 17.52
C ASN A 338 22.96 1.81 18.73
N LYS A 339 23.25 0.54 18.97
CA LYS A 339 24.15 0.18 20.08
C LYS A 339 25.57 0.65 19.80
N VAL A 340 26.01 0.59 18.55
CA VAL A 340 27.35 1.05 18.20
C VAL A 340 27.47 2.55 18.38
N LEU A 341 26.38 3.29 18.12
CA LEU A 341 26.44 4.75 18.20
C LEU A 341 26.33 5.27 19.63
N GLU A 342 25.68 4.52 20.52
CA GLU A 342 25.56 4.96 21.90
C GLU A 342 26.87 4.75 22.67
N ASN A 343 27.51 3.58 22.49
CA ASN A 343 28.77 3.32 23.17
C ASN A 343 29.86 4.28 22.67
N ARG A 344 30.13 4.25 21.37
CA ARG A 344 31.16 5.11 20.77
C ARG A 344 30.58 6.45 20.34
N ALA A 345 29.80 7.06 21.24
CA ALA A 345 29.15 8.34 20.92
C ALA A 345 30.17 9.47 20.83
N GLU A 346 30.91 9.71 21.93
CA GLU A 346 31.90 10.77 21.94
C GLU A 346 33.10 10.45 21.05
N GLU A 347 33.34 9.18 20.75
CA GLU A 347 34.45 8.82 19.87
C GLU A 347 34.23 9.28 18.44
N LEU A 348 32.97 9.34 18.01
CA LEU A 348 32.66 9.64 16.61
C LEU A 348 32.51 11.14 16.35
N LYS A 349 31.84 11.86 17.26
CA LYS A 349 31.58 13.30 17.11
C LYS A 349 30.87 13.58 15.78
N LEU A 350 29.62 13.16 15.72
CA LEU A 350 28.82 13.25 14.51
C LEU A 350 28.12 14.60 14.44
N ASP A 351 28.39 15.35 13.36
CA ASP A 351 27.71 16.62 13.12
C ASP A 351 27.68 16.88 11.62
N PHE A 352 26.48 17.02 11.07
CA PHE A 352 26.28 17.29 9.66
C PHE A 352 25.55 18.62 9.45
N GLY A 353 25.72 19.57 10.38
CA GLY A 353 24.99 20.82 10.29
C GLY A 353 25.28 21.61 9.03
N VAL A 354 26.47 21.41 8.44
CA VAL A 354 26.80 22.09 7.20
C VAL A 354 26.01 21.48 6.03
N TRP A 355 25.87 20.15 6.03
CA TRP A 355 25.09 19.49 4.98
C TRP A 355 23.60 19.78 5.14
N ARG A 356 23.11 19.81 6.38
CA ARG A 356 21.70 20.14 6.60
C ARG A 356 21.39 21.57 6.22
N ASN A 357 22.31 22.50 6.52
CA ASN A 357 22.09 23.89 6.15
C ASN A 357 22.10 24.07 4.63
N GLU A 358 22.95 23.31 3.94
CA GLU A 358 22.95 23.35 2.47
C GLU A 358 21.63 22.85 1.92
N LEU A 359 20.98 21.90 2.60
CA LEU A 359 19.68 21.42 2.17
C LEU A 359 18.56 22.36 2.61
N ASN A 360 18.67 22.92 3.82
CA ASN A 360 17.68 23.89 4.27
C ASN A 360 17.63 25.11 3.33
N VAL A 361 18.74 25.42 2.67
CA VAL A 361 18.73 26.47 1.65
C VAL A 361 17.82 26.07 0.49
N GLN A 362 18.04 24.86 -0.05
CA GLN A 362 17.21 24.38 -1.14
C GLN A 362 15.77 24.15 -0.68
N LYS A 363 15.58 23.78 0.59
CA LYS A 363 14.23 23.56 1.09
C LYS A 363 13.42 24.86 1.15
N GLN A 364 14.11 26.00 1.31
CA GLN A 364 13.45 27.29 1.30
C GLN A 364 13.31 27.86 -0.11
N LYS A 365 14.23 27.54 -1.01
CA LYS A 365 14.19 28.12 -2.35
C LYS A 365 13.19 27.40 -3.25
N PHE A 366 13.05 26.08 -3.12
CA PHE A 366 12.17 25.29 -3.97
C PHE A 366 11.24 24.43 -3.12
N PRO A 367 10.28 25.05 -2.42
CA PRO A 367 9.32 24.28 -1.64
C PRO A 367 8.12 23.87 -2.48
N LEU A 368 7.32 22.96 -1.92
CA LEU A 368 6.09 22.54 -2.56
C LEU A 368 5.12 23.72 -2.66
N SER A 369 4.73 24.06 -3.88
CA SER A 369 3.92 25.24 -4.14
C SER A 369 2.67 24.87 -4.93
N PHE A 370 1.60 25.63 -4.72
CA PHE A 370 0.38 25.50 -5.49
C PHE A 370 -0.24 26.88 -5.64
N LYS A 371 -1.05 27.04 -6.68
CA LYS A 371 -1.66 28.32 -7.01
C LYS A 371 -3.16 28.29 -6.73
N THR A 372 -3.67 29.40 -6.22
CA THR A 372 -5.09 29.58 -5.95
C THR A 372 -5.67 30.55 -6.98
N PHE A 373 -6.75 30.13 -7.65
CA PHE A 373 -7.37 30.93 -8.71
C PHE A 373 -8.74 31.37 -8.24
N GLY A 374 -8.84 32.64 -7.84
CA GLY A 374 -10.13 33.18 -7.43
C GLY A 374 -10.70 32.45 -6.24
N GLU A 375 -11.93 31.98 -6.39
CA GLU A 375 -12.63 31.24 -5.35
C GLU A 375 -12.61 29.73 -5.60
N ALA A 376 -12.00 29.28 -6.68
CA ALA A 376 -11.90 27.85 -6.96
C ALA A 376 -11.10 27.16 -5.87
N ILE A 377 -11.37 25.86 -5.70
CA ILE A 377 -10.72 25.06 -4.67
C ILE A 377 -9.49 24.42 -5.29
N PRO A 378 -8.29 24.80 -4.89
CA PRO A 378 -7.10 24.04 -5.27
C PRO A 378 -7.05 22.73 -4.49
N PRO A 379 -6.87 21.60 -5.18
CA PRO A 379 -6.91 20.30 -4.47
C PRO A 379 -5.85 20.20 -3.38
N GLN A 380 -4.67 20.78 -3.60
CA GLN A 380 -3.62 20.72 -2.59
C GLN A 380 -4.06 21.37 -1.29
N TYR A 381 -4.75 22.52 -1.39
CA TYR A 381 -5.25 23.19 -0.18
C TYR A 381 -6.31 22.37 0.53
N ALA A 382 -7.11 21.60 -0.22
CA ALA A 382 -8.13 20.77 0.41
C ALA A 382 -7.50 19.68 1.27
N ILE A 383 -6.37 19.15 0.83
CA ILE A 383 -5.68 18.12 1.62
C ILE A 383 -5.00 18.75 2.84
N LYS A 384 -4.44 19.95 2.66
CA LYS A 384 -3.87 20.67 3.80
C LYS A 384 -4.93 20.95 4.86
N VAL A 385 -6.15 21.29 4.43
CA VAL A 385 -7.24 21.51 5.36
C VAL A 385 -7.61 20.21 6.07
N LEU A 386 -7.66 19.10 5.33
CA LEU A 386 -7.91 17.80 5.93
C LEU A 386 -6.80 17.43 6.90
N ASP A 387 -5.56 17.79 6.56
CA ASP A 387 -4.44 17.53 7.47
C ASP A 387 -4.62 18.28 8.78
N GLU A 388 -5.04 19.55 8.71
CA GLU A 388 -5.26 20.34 9.91
C GLU A 388 -6.36 19.75 10.78
N LEU A 389 -7.55 19.52 10.20
CA LEU A 389 -8.71 19.17 11.01
C LEU A 389 -8.60 17.79 11.62
N THR A 390 -7.82 16.90 11.00
CA THR A 390 -7.60 15.56 11.55
C THR A 390 -6.33 15.46 12.38
N ASP A 391 -5.51 16.52 12.42
CA ASP A 391 -4.25 16.54 13.16
C ASP A 391 -3.29 15.45 12.68
N GLY A 392 -3.37 15.12 11.39
CA GLY A 392 -2.46 14.14 10.81
C GLY A 392 -2.58 12.74 11.39
N LYS A 393 -3.69 12.43 12.05
CA LYS A 393 -3.88 11.14 12.70
C LYS A 393 -4.82 10.23 11.93
N ALA A 394 -5.07 10.52 10.65
CA ALA A 394 -6.06 9.79 9.87
C ALA A 394 -5.39 8.79 8.94
N ILE A 395 -6.02 7.64 8.77
CA ILE A 395 -5.57 6.63 7.80
C ILE A 395 -6.08 7.03 6.43
N ILE A 396 -5.16 7.25 5.50
CA ILE A 396 -5.49 7.77 4.17
C ILE A 396 -5.27 6.67 3.14
N SER A 397 -6.31 6.39 2.35
CA SER A 397 -6.21 5.52 1.19
C SER A 397 -6.63 6.31 -0.05
N THR A 398 -5.91 6.10 -1.14
CA THR A 398 -6.11 6.88 -2.36
C THR A 398 -6.30 5.96 -3.55
N GLY A 399 -6.71 6.56 -4.67
CA GLY A 399 -6.70 5.87 -5.94
C GLY A 399 -5.36 6.07 -6.63
N VAL A 400 -5.38 6.22 -7.96
CA VAL A 400 -4.16 6.43 -8.72
C VAL A 400 -4.39 7.61 -9.67
N GLY A 401 -3.51 8.59 -9.62
CA GLY A 401 -3.61 9.76 -10.46
C GLY A 401 -3.03 10.98 -9.76
N GLN A 402 -3.51 12.15 -10.20
CA GLN A 402 -3.03 13.41 -9.61
C GLN A 402 -3.37 13.49 -8.13
N HIS A 403 -4.61 13.14 -7.77
CA HIS A 403 -5.03 13.18 -6.37
C HIS A 403 -4.16 12.29 -5.50
N GLN A 404 -3.59 11.22 -6.07
CA GLN A 404 -2.71 10.35 -5.32
C GLN A 404 -1.42 11.06 -4.93
N MET A 405 -0.79 11.73 -5.90
CA MET A 405 0.47 12.42 -5.62
C MET A 405 0.27 13.56 -4.63
N TRP A 406 -0.82 14.31 -4.80
CA TRP A 406 -1.11 15.42 -3.88
C TRP A 406 -1.40 14.91 -2.48
N ALA A 407 -2.05 13.75 -2.37
CA ALA A 407 -2.27 13.16 -1.04
C ALA A 407 -0.96 12.77 -0.38
N ALA A 408 0.08 12.50 -1.16
CA ALA A 408 1.39 12.19 -0.59
C ALA A 408 2.15 13.45 -0.22
N GLN A 409 2.04 14.50 -1.04
CA GLN A 409 2.84 15.71 -0.84
C GLN A 409 2.30 16.57 0.31
N PHE A 410 0.98 16.78 0.35
CA PHE A 410 0.38 17.79 1.21
C PHE A 410 -0.31 17.18 2.43
N TYR A 411 0.22 16.08 2.95
CA TYR A 411 -0.23 15.48 4.19
C TYR A 411 0.99 14.95 4.92
N ASN A 412 1.16 15.34 6.18
CA ASN A 412 2.31 14.94 6.98
CA ASN A 412 2.32 14.94 6.97
C ASN A 412 1.92 13.73 7.83
N TYR A 413 2.26 12.54 7.33
CA TYR A 413 1.97 11.31 8.06
C TYR A 413 2.97 11.15 9.20
N LYS A 414 2.47 10.81 10.39
CA LYS A 414 3.29 10.75 11.58
C LYS A 414 3.79 9.34 11.89
N LYS A 415 3.00 8.32 11.59
CA LYS A 415 3.36 6.93 11.83
C LYS A 415 3.15 6.13 10.57
N PRO A 416 3.86 5.01 10.42
CA PRO A 416 3.63 4.12 9.28
C PRO A 416 2.28 3.41 9.42
N ARG A 417 1.95 2.66 8.37
CA ARG A 417 0.65 2.00 8.24
C ARG A 417 -0.51 2.98 8.30
N GLN A 418 -0.23 4.24 7.95
CA GLN A 418 -1.23 5.29 7.84
C GLN A 418 -1.54 5.65 6.39
N TRP A 419 -0.73 5.17 5.45
CA TRP A 419 -0.76 5.58 4.05
C TRP A 419 -0.96 4.33 3.20
N LEU A 420 -2.14 4.20 2.61
CA LEU A 420 -2.51 3.03 1.82
C LEU A 420 -2.67 3.47 0.36
N SER A 421 -1.74 3.05 -0.49
CA SER A 421 -1.78 3.45 -1.88
C SER A 421 -1.08 2.40 -2.73
N SER A 422 -1.68 2.09 -3.87
CA SER A 422 -1.10 1.16 -4.84
C SER A 422 0.04 1.88 -5.55
N GLY A 423 1.28 1.54 -5.19
CA GLY A 423 2.44 2.20 -5.76
C GLY A 423 3.14 1.41 -6.85
N GLY A 424 3.34 0.12 -6.61
CA GLY A 424 4.01 -0.72 -7.58
C GLY A 424 3.20 -0.95 -8.83
N LEU A 425 1.99 -1.51 -8.67
CA LEU A 425 1.12 -1.74 -9.82
C LEU A 425 0.39 -0.47 -10.23
N GLY A 426 -0.04 0.34 -9.26
CA GLY A 426 -0.77 1.55 -9.55
C GLY A 426 -2.15 1.28 -10.09
N ALA A 427 -2.95 0.52 -9.34
CA ALA A 427 -4.26 0.08 -9.79
C ALA A 427 -5.31 1.11 -9.38
N MET A 428 -6.07 1.60 -10.35
CA MET A 428 -7.20 2.46 -10.05
C MET A 428 -8.30 1.66 -9.37
N GLY A 429 -9.20 2.39 -8.69
CA GLY A 429 -10.24 1.75 -7.91
C GLY A 429 -9.76 1.05 -6.67
N PHE A 430 -8.48 1.19 -6.32
CA PHE A 430 -7.95 0.54 -5.13
C PHE A 430 -8.40 1.25 -3.86
N GLY A 431 -8.60 2.56 -3.93
CA GLY A 431 -8.86 3.37 -2.75
C GLY A 431 -10.05 2.96 -1.90
N LEU A 432 -11.26 3.08 -2.45
CA LEU A 432 -12.46 2.86 -1.65
C LEU A 432 -12.51 1.49 -0.99
N PRO A 433 -12.19 0.38 -1.67
CA PRO A 433 -12.15 -0.91 -0.96
C PRO A 433 -11.05 -0.96 0.10
N ALA A 434 -9.89 -0.36 -0.17
CA ALA A 434 -8.82 -0.35 0.82
C ALA A 434 -9.24 0.40 2.09
N ALA A 435 -10.03 1.46 1.95
CA ALA A 435 -10.55 2.15 3.12
C ALA A 435 -11.49 1.24 3.92
N ILE A 436 -12.23 0.37 3.23
CA ILE A 436 -13.12 -0.56 3.93
C ILE A 436 -12.32 -1.49 4.81
N GLY A 437 -11.25 -2.08 4.26
CA GLY A 437 -10.43 -3.00 5.03
C GLY A 437 -9.74 -2.33 6.20
N ALA A 438 -9.28 -1.09 6.00
CA ALA A 438 -8.62 -0.38 7.09
C ALA A 438 -9.61 -0.03 8.20
N SER A 439 -10.85 0.33 7.83
CA SER A 439 -11.84 0.65 8.83
C SER A 439 -12.25 -0.57 9.65
N VAL A 440 -12.12 -1.77 9.08
CA VAL A 440 -12.42 -2.98 9.83
C VAL A 440 -11.26 -3.34 10.75
N ALA A 441 -10.03 -3.16 10.29
CA ALA A 441 -8.86 -3.46 11.12
C ALA A 441 -8.65 -2.42 12.22
N ASN A 442 -8.99 -1.15 11.94
CA ASN A 442 -8.85 -0.06 12.90
C ASN A 442 -10.21 0.59 13.06
N PRO A 443 -11.08 0.04 13.92
CA PRO A 443 -12.44 0.57 14.04
C PRO A 443 -12.51 1.97 14.61
N ASP A 444 -11.61 2.31 15.53
CA ASP A 444 -11.64 3.60 16.21
C ASP A 444 -10.80 4.67 15.53
N ALA A 445 -10.31 4.40 14.32
CA ALA A 445 -9.45 5.33 13.60
C ALA A 445 -10.26 6.18 12.63
N ILE A 446 -9.66 7.29 12.21
CA ILE A 446 -10.25 8.16 11.20
C ILE A 446 -9.76 7.66 9.84
N VAL A 447 -10.65 7.00 9.11
CA VAL A 447 -10.33 6.47 7.79
C VAL A 447 -10.94 7.39 6.75
N VAL A 448 -10.08 8.04 5.95
CA VAL A 448 -10.49 8.98 4.93
C VAL A 448 -9.96 8.50 3.59
N ASP A 449 -10.86 8.44 2.60
CA ASP A 449 -10.51 8.02 1.25
C ASP A 449 -10.40 9.24 0.36
N ILE A 450 -9.25 9.40 -0.28
CA ILE A 450 -9.02 10.51 -1.21
C ILE A 450 -8.99 9.96 -2.63
N ASP A 451 -10.14 9.91 -3.28
CA ASP A 451 -10.28 9.34 -4.60
C ASP A 451 -10.40 10.41 -5.67
N GLY A 452 -10.21 10.00 -6.93
CA GLY A 452 -10.51 10.84 -8.07
C GLY A 452 -11.78 10.36 -8.74
N ASP A 453 -12.40 11.21 -9.56
CA ASP A 453 -13.68 10.86 -10.16
C ASP A 453 -13.58 9.61 -11.02
N GLY A 454 -12.42 9.36 -11.62
CA GLY A 454 -12.23 8.17 -12.42
C GLY A 454 -11.98 6.94 -11.58
N SER A 455 -11.11 7.06 -10.58
CA SER A 455 -10.80 5.92 -9.72
C SER A 455 -11.99 5.55 -8.84
N PHE A 456 -12.74 6.55 -8.38
CA PHE A 456 -13.85 6.30 -7.46
C PHE A 456 -14.95 5.49 -8.12
N ILE A 457 -15.25 5.78 -9.40
CA ILE A 457 -16.39 5.14 -10.05
C ILE A 457 -16.11 3.69 -10.39
N MET A 458 -14.85 3.28 -10.48
CA MET A 458 -14.53 1.91 -10.87
C MET A 458 -15.09 0.90 -9.87
N ASN A 459 -14.82 1.10 -8.58
CA ASN A 459 -15.34 0.24 -7.53
C ASN A 459 -16.37 0.98 -6.67
N VAL A 460 -17.22 1.77 -7.33
CA VAL A 460 -18.25 2.53 -6.62
C VAL A 460 -19.28 1.62 -5.97
N GLN A 461 -19.40 0.38 -6.46
CA GLN A 461 -20.38 -0.55 -5.88
C GLN A 461 -20.09 -0.84 -4.42
N GLU A 462 -18.88 -0.60 -3.94
CA GLU A 462 -18.53 -0.90 -2.56
C GLU A 462 -19.15 0.07 -1.57
N LEU A 463 -19.84 1.12 -2.03
CA LEU A 463 -20.58 1.97 -1.11
C LEU A 463 -21.68 1.20 -0.41
N ALA A 464 -22.28 0.21 -1.10
CA ALA A 464 -23.26 -0.65 -0.45
C ALA A 464 -22.63 -1.45 0.68
N THR A 465 -21.38 -1.90 0.48
CA THR A 465 -20.67 -2.61 1.54
C THR A 465 -20.41 -1.70 2.73
N ILE A 466 -20.14 -0.41 2.48
CA ILE A 466 -19.86 0.51 3.56
C ILE A 466 -21.10 0.74 4.42
N ARG A 467 -22.26 0.90 3.77
CA ARG A 467 -23.49 1.14 4.53
C ARG A 467 -23.93 -0.12 5.28
N VAL A 468 -23.95 -1.26 4.59
CA VAL A 468 -24.44 -2.50 5.21
C VAL A 468 -23.61 -2.85 6.44
N GLU A 469 -22.29 -2.73 6.35
CA GLU A 469 -21.41 -3.05 7.47
C GLU A 469 -21.27 -1.89 8.45
N ASN A 470 -21.86 -0.73 8.16
CA ASN A 470 -21.85 0.44 9.04
C ASN A 470 -20.42 0.80 9.47
N LEU A 471 -19.66 1.27 8.48
CA LEU A 471 -18.29 1.68 8.67
C LEU A 471 -18.14 3.19 8.55
N PRO A 472 -17.37 3.83 9.43
CA PRO A 472 -17.19 5.30 9.38
C PRO A 472 -16.16 5.73 8.35
N VAL A 473 -16.38 5.35 7.09
CA VAL A 473 -15.44 5.65 6.01
C VAL A 473 -15.80 7.02 5.43
N LYS A 474 -14.84 7.93 5.47
CA LYS A 474 -15.00 9.26 4.89
C LYS A 474 -14.38 9.28 3.50
N VAL A 475 -15.14 9.78 2.52
CA VAL A 475 -14.71 9.82 1.13
C VAL A 475 -14.49 11.27 0.75
N LEU A 476 -13.24 11.66 0.55
CA LEU A 476 -12.89 13.01 0.10
C LEU A 476 -12.61 12.91 -1.40
N LEU A 477 -13.65 13.07 -2.21
CA LEU A 477 -13.54 12.93 -3.65
C LEU A 477 -13.07 14.25 -4.26
N LEU A 478 -11.95 14.20 -4.99
CA LEU A 478 -11.42 15.36 -5.69
C LEU A 478 -11.83 15.24 -7.15
N ASN A 479 -13.03 15.74 -7.46
CA ASN A 479 -13.59 15.63 -8.80
C ASN A 479 -13.02 16.74 -9.68
N ASN A 480 -12.27 16.35 -10.71
CA ASN A 480 -11.78 17.28 -11.71
C ASN A 480 -12.34 16.98 -13.10
N GLN A 481 -13.33 16.09 -13.19
CA GLN A 481 -14.01 15.73 -14.43
C GLN A 481 -13.09 15.11 -15.47
N HIS A 482 -11.86 14.76 -15.10
CA HIS A 482 -10.88 14.27 -16.06
C HIS A 482 -10.09 13.12 -15.44
N LEU A 483 -9.40 12.38 -16.31
CA LEU A 483 -8.36 11.44 -15.89
C LEU A 483 -7.08 12.27 -15.81
N GLY A 484 -6.83 12.81 -14.61
CA GLY A 484 -5.86 13.90 -14.49
C GLY A 484 -4.45 13.51 -14.90
N MET A 485 -3.94 12.40 -14.36
CA MET A 485 -2.56 12.02 -14.63
C MET A 485 -2.32 11.80 -16.11
N VAL A 486 -3.30 11.26 -16.82
CA VAL A 486 -3.18 11.08 -18.27
C VAL A 486 -3.33 12.42 -18.97
N MET A 487 -4.19 13.29 -18.46
CA MET A 487 -4.38 14.61 -19.06
C MET A 487 -3.14 15.48 -18.91
N GLN A 488 -2.41 15.34 -17.81
CA GLN A 488 -1.21 16.14 -17.60
C GLN A 488 -0.14 15.80 -18.64
N LEU A 489 0.01 14.52 -18.96
CA LEU A 489 1.01 14.13 -19.96
C LEU A 489 0.60 14.53 -21.37
N GLU A 490 -0.71 14.64 -21.62
CA GLU A 490 -1.16 15.13 -22.93
C GLU A 490 -0.76 16.58 -23.13
N ASP A 491 -0.83 17.39 -22.06
CA ASP A 491 -0.51 18.80 -22.18
C ASP A 491 0.98 19.01 -22.43
N ARG A 492 1.83 18.20 -21.79
CA ARG A 492 3.27 18.40 -21.89
C ARG A 492 3.83 17.83 -23.19
N PHE A 493 3.51 16.56 -23.49
CA PHE A 493 4.20 15.83 -24.55
C PHE A 493 3.31 15.54 -25.75
N TYR A 494 2.07 16.02 -25.77
CA TYR A 494 1.22 15.77 -26.93
C TYR A 494 0.41 17.00 -27.34
N LYS A 495 0.88 18.21 -27.00
CA LYS A 495 0.27 19.46 -27.46
C LYS A 495 -1.20 19.57 -27.04
N ALA A 496 -1.51 19.04 -25.84
CA ALA A 496 -2.84 19.17 -25.24
C ALA A 496 -3.93 18.57 -26.12
N ASN A 497 -3.60 17.54 -26.89
CA ASN A 497 -4.59 16.86 -27.72
C ASN A 497 -5.35 15.85 -26.88
N ARG A 498 -6.60 16.18 -26.54
CA ARG A 498 -7.41 15.30 -25.70
C ARG A 498 -7.71 14.00 -26.42
N ALA A 499 -7.39 12.87 -25.77
CA ALA A 499 -7.61 11.54 -26.33
C ALA A 499 -8.36 10.71 -25.29
N HIS A 500 -9.67 10.98 -25.16
CA HIS A 500 -10.57 10.22 -24.30
C HIS A 500 -10.16 10.31 -22.84
N THR A 501 -9.91 11.54 -22.37
CA THR A 501 -9.57 11.79 -20.98
C THR A 501 -10.64 12.57 -20.24
N PHE A 502 -11.76 12.89 -20.89
CA PHE A 502 -12.84 13.62 -20.25
C PHE A 502 -13.92 12.64 -19.80
N LEU A 503 -14.28 12.74 -18.52
CA LEU A 503 -15.22 11.81 -17.91
C LEU A 503 -16.66 12.33 -17.84
N GLY A 504 -16.86 13.62 -18.07
CA GLY A 504 -18.19 14.21 -18.01
C GLY A 504 -19.00 13.93 -19.26
N ASP A 505 -20.09 14.69 -19.40
CA ASP A 505 -20.99 14.54 -20.54
C ASP A 505 -20.73 15.65 -21.54
N PRO A 506 -20.34 15.33 -22.78
CA PRO A 506 -20.09 16.40 -23.76
C PRO A 506 -21.33 17.21 -24.11
N ALA A 507 -22.53 16.66 -23.96
CA ALA A 507 -23.74 17.43 -24.24
C ALA A 507 -23.89 18.58 -23.25
N GLN A 508 -23.65 18.32 -21.97
CA GLN A 508 -23.68 19.32 -20.91
C GLN A 508 -22.27 19.42 -20.33
N GLU A 509 -21.40 20.13 -21.06
CA GLU A 509 -19.97 20.10 -20.76
C GLU A 509 -19.64 20.79 -19.44
N ASP A 510 -20.41 21.82 -19.06
CA ASP A 510 -20.18 22.54 -17.82
C ASP A 510 -21.08 22.04 -16.69
N GLU A 511 -21.48 20.77 -16.74
CA GLU A 511 -22.26 20.15 -15.68
C GLU A 511 -21.45 19.01 -15.08
N ILE A 512 -21.36 18.97 -13.75
CA ILE A 512 -20.60 17.92 -13.08
C ILE A 512 -21.29 16.59 -13.34
N PHE A 513 -20.54 15.63 -13.89
CA PHE A 513 -21.09 14.34 -14.26
C PHE A 513 -20.08 13.25 -13.95
N PRO A 514 -20.49 12.15 -13.31
CA PRO A 514 -21.86 11.96 -12.81
C PRO A 514 -22.11 12.72 -11.51
N ASN A 515 -23.37 12.78 -11.10
CA ASN A 515 -23.75 13.41 -9.83
C ASN A 515 -23.44 12.40 -8.73
N MET A 516 -22.21 12.48 -8.21
CA MET A 516 -21.75 11.49 -7.23
C MET A 516 -22.54 11.52 -5.94
N LEU A 517 -23.26 12.61 -5.66
CA LEU A 517 -24.08 12.67 -4.46
C LEU A 517 -25.20 11.64 -4.50
N LEU A 518 -25.76 11.41 -5.69
CA LEU A 518 -26.84 10.42 -5.81
C LEU A 518 -26.31 9.00 -5.70
N PHE A 519 -25.04 8.77 -6.02
CA PHE A 519 -24.42 7.48 -5.77
C PHE A 519 -24.46 7.15 -4.28
N ALA A 520 -24.09 8.11 -3.43
CA ALA A 520 -24.17 7.91 -2.00
C ALA A 520 -25.60 7.87 -1.51
N ALA A 521 -26.50 8.64 -2.13
CA ALA A 521 -27.90 8.62 -1.74
C ALA A 521 -28.55 7.27 -2.00
N ALA A 522 -28.13 6.60 -3.08
CA ALA A 522 -28.66 5.27 -3.36
C ALA A 522 -28.30 4.28 -2.25
N CYS A 523 -27.10 4.42 -1.70
CA CYS A 523 -26.65 3.58 -0.60
C CYS A 523 -26.96 4.18 0.77
N GLY A 524 -27.81 5.19 0.83
CA GLY A 524 -28.19 5.78 2.10
C GLY A 524 -27.05 6.40 2.87
N ILE A 525 -26.07 6.97 2.18
CA ILE A 525 -24.91 7.60 2.80
C ILE A 525 -25.08 9.11 2.67
N PRO A 526 -24.90 9.87 3.74
CA PRO A 526 -24.98 11.34 3.62
C PRO A 526 -23.87 11.88 2.75
N ALA A 527 -24.22 12.83 1.88
CA ALA A 527 -23.29 13.38 0.92
C ALA A 527 -23.44 14.89 0.84
N ALA A 528 -22.41 15.55 0.33
CA ALA A 528 -22.42 17.00 0.14
C ALA A 528 -21.35 17.36 -0.89
N ARG A 529 -21.58 18.46 -1.58
CA ARG A 529 -20.67 18.96 -2.60
C ARG A 529 -20.27 20.40 -2.27
N VAL A 530 -18.97 20.67 -2.29
CA VAL A 530 -18.44 22.00 -2.03
C VAL A 530 -17.66 22.45 -3.26
N THR A 531 -17.84 23.72 -3.63
CA THR A 531 -17.23 24.28 -4.83
C THR A 531 -16.38 25.51 -4.55
N LYS A 532 -16.73 26.32 -3.56
CA LYS A 532 -16.05 27.58 -3.28
C LYS A 532 -15.06 27.38 -2.13
N LYS A 533 -13.87 27.97 -2.31
CA LYS A 533 -12.78 27.75 -1.36
C LYS A 533 -13.15 28.20 0.06
N ALA A 534 -14.00 29.22 0.17
CA ALA A 534 -14.39 29.70 1.50
C ALA A 534 -15.19 28.66 2.26
N ASP A 535 -16.06 27.93 1.57
CA ASP A 535 -16.91 26.93 2.20
C ASP A 535 -16.19 25.61 2.43
N LEU A 536 -14.90 25.52 2.11
CA LEU A 536 -14.20 24.24 2.16
C LEU A 536 -13.97 23.77 3.60
N ARG A 537 -13.50 24.68 4.47
CA ARG A 537 -13.19 24.29 5.84
C ARG A 537 -14.44 23.80 6.58
N GLU A 538 -15.56 24.47 6.38
CA GLU A 538 -16.80 24.05 7.03
C GLU A 538 -17.31 22.74 6.46
N ALA A 539 -17.03 22.46 5.18
CA ALA A 539 -17.51 21.24 4.57
C ALA A 539 -16.76 20.01 5.07
N ILE A 540 -15.44 20.13 5.24
CA ILE A 540 -14.66 19.00 5.74
C ILE A 540 -14.94 18.78 7.22
N GLN A 541 -15.16 19.87 7.97
CA GLN A 541 -15.53 19.73 9.37
C GLN A 541 -16.84 18.98 9.53
N THR A 542 -17.78 19.21 8.61
CA THR A 542 -19.05 18.48 8.63
C THR A 542 -18.84 17.00 8.33
N MET A 543 -17.97 16.68 7.37
CA MET A 543 -17.71 15.30 7.01
C MET A 543 -17.14 14.51 8.18
N LEU A 544 -16.18 15.09 8.90
CA LEU A 544 -15.53 14.38 10.00
C LEU A 544 -16.46 14.23 11.19
N ASP A 545 -17.26 15.27 11.49
CA ASP A 545 -18.11 15.24 12.67
C ASP A 545 -19.34 14.36 12.49
N THR A 546 -19.83 14.22 11.26
CA THR A 546 -20.98 13.37 10.99
C THR A 546 -20.64 11.92 11.29
N PRO A 547 -21.34 11.26 12.22
CA PRO A 547 -21.05 9.85 12.49
C PRO A 547 -21.38 8.96 11.30
N GLY A 548 -20.57 7.92 11.14
CA GLY A 548 -20.76 6.98 10.06
C GLY A 548 -20.06 7.40 8.79
N PRO A 549 -20.47 6.81 7.67
CA PRO A 549 -19.85 7.17 6.38
C PRO A 549 -20.31 8.53 5.90
N TYR A 550 -19.49 9.13 5.03
CA TYR A 550 -19.80 10.45 4.48
C TYR A 550 -19.03 10.62 3.18
N LEU A 551 -19.67 11.24 2.20
CA LEU A 551 -19.07 11.54 0.91
C LEU A 551 -19.04 13.04 0.71
N LEU A 552 -17.86 13.58 0.38
CA LEU A 552 -17.69 15.00 0.11
C LEU A 552 -17.13 15.17 -1.29
N ASP A 553 -17.93 15.72 -2.19
CA ASP A 553 -17.50 16.00 -3.55
C ASP A 553 -16.84 17.38 -3.59
N VAL A 554 -15.55 17.41 -3.92
CA VAL A 554 -14.77 18.63 -4.01
C VAL A 554 -14.45 18.89 -5.47
N ILE A 555 -14.99 19.97 -6.01
CA ILE A 555 -14.79 20.31 -7.42
C ILE A 555 -13.49 21.10 -7.55
N CYS A 556 -12.65 20.68 -8.49
CA CYS A 556 -11.34 21.27 -8.69
C CYS A 556 -11.18 21.69 -10.15
N PRO A 557 -10.41 22.74 -10.41
CA PRO A 557 -10.05 23.06 -11.80
C PRO A 557 -9.16 21.97 -12.37
N HIS A 558 -9.52 21.50 -13.57
CA HIS A 558 -8.82 20.37 -14.16
C HIS A 558 -7.45 20.75 -14.73
N GLN A 559 -7.15 22.04 -14.85
CA GLN A 559 -5.89 22.48 -15.45
C GLN A 559 -4.69 22.35 -14.50
N GLU A 560 -4.91 21.92 -13.27
CA GLU A 560 -3.80 21.78 -12.32
C GLU A 560 -2.85 20.68 -12.77
N HIS A 561 -1.57 20.85 -12.44
CA HIS A 561 -0.54 19.87 -12.76
C HIS A 561 0.21 19.50 -11.49
N VAL A 562 0.59 18.23 -11.38
CA VAL A 562 1.40 17.77 -10.26
C VAL A 562 2.85 18.18 -10.50
N LEU A 563 3.42 18.89 -9.52
CA LEU A 563 4.79 19.38 -9.61
C LEU A 563 5.49 19.12 -8.28
N PRO A 564 6.82 18.92 -8.29
CA PRO A 564 7.69 18.88 -9.48
C PRO A 564 7.50 17.60 -10.29
N MET A 565 8.22 17.49 -11.41
CA MET A 565 8.12 16.29 -12.25
C MET A 565 9.43 16.11 -13.00
N ILE A 566 10.17 15.07 -12.64
CA ILE A 566 11.33 14.64 -13.42
C ILE A 566 10.82 13.68 -14.50
N PRO A 567 10.93 14.02 -15.78
CA PRO A 567 10.38 13.17 -16.84
C PRO A 567 10.98 11.77 -16.81
N SER A 568 10.34 10.88 -17.57
CA SER A 568 10.70 9.47 -17.54
C SER A 568 12.13 9.26 -18.01
N GLY A 569 12.91 8.56 -17.19
CA GLY A 569 14.29 8.26 -17.50
C GLY A 569 15.24 9.44 -17.42
N GLY A 570 14.78 10.61 -16.99
CA GLY A 570 15.61 11.78 -16.93
C GLY A 570 16.44 11.85 -15.66
N THR A 571 17.24 12.90 -15.56
CA THR A 571 18.10 13.17 -14.42
C THR A 571 17.52 14.31 -13.60
N PHE A 572 18.23 14.66 -12.52
CA PHE A 572 17.78 15.76 -11.68
C PHE A 572 17.84 17.10 -12.40
N ASN A 573 18.74 17.22 -13.39
CA ASN A 573 18.86 18.46 -14.15
C ASN A 573 17.68 18.69 -15.10
N ASP A 574 16.85 17.67 -15.33
CA ASP A 574 15.69 17.79 -16.21
C ASP A 574 14.40 18.05 -15.45
N VAL A 575 14.49 18.42 -14.17
CA VAL A 575 13.30 18.56 -13.34
C VAL A 575 12.46 19.74 -13.83
N ILE A 576 11.15 19.54 -13.89
CA ILE A 576 10.20 20.59 -14.24
C ILE A 576 9.62 21.15 -12.94
N THR A 577 9.68 22.47 -12.78
CA THR A 577 9.25 23.10 -11.55
C THR A 577 8.01 23.97 -11.69
N GLU A 578 7.62 24.33 -12.91
CA GLU A 578 6.46 25.17 -13.13
C GLU A 578 5.76 24.75 -14.41
N GLY A 579 4.46 24.99 -14.46
CA GLY A 579 3.65 24.73 -15.65
C GLY A 579 2.28 24.17 -15.32
N ASP A 580 1.32 24.47 -16.18
CA ASP A 580 -0.04 23.94 -16.07
C ASP A 580 -0.69 24.01 -17.44
N GLY A 581 -1.94 23.54 -17.52
CA GLY A 581 -2.66 23.49 -18.77
C GLY A 581 -3.55 24.70 -19.01
N ARG A 582 -2.95 25.89 -19.09
CA ARG A 582 -3.72 27.11 -19.33
C ARG A 582 -3.06 27.96 -20.43
MG MG B . -9.71 12.85 -12.11
O01 6QL C . 6.60 7.03 -19.50
C02 6QL C . 6.63 6.38 -18.42
C03 6QL C . 5.83 5.09 -18.28
C04 6QL C . 6.44 3.86 -18.09
O05 6QL C . 7.83 3.72 -17.97
C06 6QL C . 8.62 4.15 -19.05
N07 6QL C . 8.11 4.35 -20.25
C08 6QL C . 8.88 4.76 -21.26
O09 6QL C . 8.33 4.98 -22.53
C10 6QL C . 9.28 5.23 -23.54
C11 6QL C . 10.23 4.97 -21.02
C12 6QL C . 10.73 4.75 -19.75
O13 6QL C . 12.08 4.95 -19.46
C14 6QL C . 12.39 4.87 -18.10
N15 6QL C . 9.90 4.34 -18.82
C16 6QL C . 5.66 2.72 -17.95
C17 6QL C . 4.27 2.81 -18.04
C18 6QL C . 3.66 4.04 -18.26
C19 6QL C . 4.45 5.18 -18.37
O20 6QL C . 3.84 6.42 -18.59
C21 6QL C . 3.39 6.97 -17.38
N22 6QL C . 4.22 7.08 -16.36
C23 6QL C . 3.83 7.60 -15.21
O24 6QL C . 4.71 7.71 -14.13
C25 6QL C . 4.29 8.58 -13.12
C26 6QL C . 2.51 8.04 -15.10
C27 6QL C . 1.67 7.91 -16.20
O28 6QL C . 0.34 8.34 -16.12
C29 6QL C . -0.59 7.38 -16.52
N30 6QL C . 2.14 7.38 -17.31
O31 6QL C . 7.33 6.79 -17.45
PA FAD D . 8.79 -1.38 -1.92
O1A FAD D . 8.01 -0.71 -0.80
O2A FAD D . 7.84 -1.75 -3.05
O5B FAD D . 9.50 -2.73 -1.39
C5B FAD D . 10.09 -2.70 -0.05
C4B FAD D . 11.54 -3.15 -0.18
O4B FAD D . 12.11 -3.36 1.11
C3B FAD D . 11.61 -4.45 -0.89
O3B FAD D . 12.83 -4.56 -1.61
C2B FAD D . 11.56 -5.45 0.20
O2B FAD D . 12.27 -6.64 -0.19
C1B FAD D . 12.27 -4.79 1.31
N9A FAD D . 11.73 -5.16 2.55
C8A FAD D . 10.47 -5.45 2.81
N7A FAD D . 10.33 -5.75 4.11
C5A FAD D . 11.56 -5.63 4.72
C6A FAD D . 12.09 -5.80 6.03
N6A FAD D . 11.25 -6.18 7.07
N1A FAD D . 13.40 -5.59 6.26
C2A FAD D . 14.19 -5.22 5.28
N3A FAD D . 13.75 -5.05 4.03
C4A FAD D . 12.46 -5.24 3.72
N1 FAD D . 7.54 6.27 -5.81
C2 FAD D . 8.55 7.17 -5.37
O2 FAD D . 9.36 6.83 -4.53
N3 FAD D . 8.62 8.46 -5.89
C4 FAD D . 7.70 8.85 -6.85
O4 FAD D . 7.75 9.96 -7.32
C4X FAD D . 6.62 7.89 -7.33
N5 FAD D . 5.69 8.28 -8.28
C5X FAD D . 4.62 7.47 -8.54
C6 FAD D . 3.58 7.95 -9.35
C7 FAD D . 2.47 7.14 -9.62
C7M FAD D . 1.33 7.67 -10.51
C8 FAD D . 2.40 5.85 -9.08
C8M FAD D . 1.19 4.97 -9.38
C9 FAD D . 3.44 5.37 -8.28
C9A FAD D . 4.56 6.18 -8.00
N10 FAD D . 5.59 5.72 -7.20
C10 FAD D . 6.57 6.62 -6.79
C1' FAD D . 5.54 4.44 -6.62
C2' FAD D . 6.65 3.52 -7.19
O2' FAD D . 6.15 2.88 -8.36
C3' FAD D . 7.08 2.42 -6.15
O3' FAD D . 5.99 2.05 -5.41
C4' FAD D . 8.15 2.96 -5.24
O4' FAD D . 9.02 3.80 -6.01
C5' FAD D . 8.94 1.83 -4.66
O5' FAD D . 8.75 1.79 -3.26
P FAD D . 9.92 1.15 -2.34
O1P FAD D . 11.28 1.66 -2.83
O2P FAD D . 9.73 1.55 -0.88
O3P FAD D . 9.91 -0.42 -2.47
N1' TZD E . -6.50 1.83 -15.58
C2' TZD E . -6.25 1.32 -14.35
C2A TZD E . -7.15 0.23 -13.78
N3' TZD E . -5.20 1.78 -13.63
C4' TZD E . -4.41 2.72 -14.13
N4' TZD E . -3.29 3.19 -13.35
C5' TZD E . -4.66 3.23 -15.36
C6' TZD E . -5.71 2.77 -16.07
C35 TZD E . -3.76 4.32 -15.95
N3 TZD E . -3.98 5.57 -15.23
C2 TZD E . -3.06 6.03 -14.28
OC2 TZD E . -1.87 5.41 -13.89
S1 TZD E . -3.66 7.43 -13.71
C5 TZD E . -5.11 7.66 -14.54
C4 TZD E . -5.26 6.46 -15.49
C4A TZD E . -6.41 6.19 -16.46
C5A TZD E . -6.07 8.84 -14.36
C5B TZD E . -6.87 8.65 -13.08
O5G TZD E . -7.98 9.49 -13.08
P1 TZD E . -8.60 9.95 -11.62
O11 TZD E . -7.46 10.76 -10.76
O12 TZD E . -9.05 8.74 -10.84
O13 TZD E . -9.79 10.86 -11.85
P2 TZD E . -6.86 12.24 -11.18
O21 TZD E . -6.99 13.19 -10.01
O22 TZD E . -5.40 12.10 -11.55
O23 TZD E . -7.63 12.77 -12.35
C3' NHE F . 8.36 -20.10 -1.87
C2' NHE F . 7.71 -21.48 -2.00
C1' NHE F . 8.21 -22.25 -3.23
C6' NHE F . 9.42 -21.59 -3.91
N NHE F . 8.56 -23.65 -2.90
C1 NHE F . 8.78 -23.88 -1.48
C2 NHE F . 10.25 -23.67 -1.12
S NHE F . 11.06 -25.28 -0.84
O1 NHE F . 12.15 -25.51 -1.87
O2 NHE F . 10.13 -26.43 -1.12
O3 NHE F . 11.62 -25.33 0.56
C5' NHE F . 9.17 -20.13 -4.28
C4' NHE F . 8.37 -19.37 -3.22
S SO4 G . 1.67 1.01 1.53
O1 SO4 G . 0.50 1.68 0.99
O2 SO4 G . 1.40 -0.42 1.66
O3 SO4 G . 2.80 1.20 0.61
O4 SO4 G . 2.02 1.58 2.82
#